data_2H1M
# 
_entry.id   2H1M 
# 
_audit_conform.dict_name       mmcif_pdbx.dic 
_audit_conform.dict_version    5.389 
_audit_conform.dict_location   http://mmcif.pdb.org/dictionaries/ascii/mmcif_pdbx.dic 
# 
loop_
_database_2.database_id 
_database_2.database_code 
_database_2.pdbx_database_accession 
_database_2.pdbx_DOI 
PDB   2H1M         pdb_00002h1m 10.2210/pdb2h1m/pdb 
NDB   AR0070       ?            ?                   
RCSB  RCSB037816   ?            ?                   
WWPDB D_1000037816 ?            ?                   
# 
loop_
_pdbx_audit_revision_history.ordinal 
_pdbx_audit_revision_history.data_content_type 
_pdbx_audit_revision_history.major_revision 
_pdbx_audit_revision_history.minor_revision 
_pdbx_audit_revision_history.revision_date 
1 'Structure model' 1 0 2006-07-18 
2 'Structure model' 1 1 2008-05-01 
3 'Structure model' 1 2 2011-07-13 
4 'Structure model' 1 3 2024-02-14 
5 'Structure model' 1 4 2024-04-03 
# 
_pdbx_audit_revision_details.ordinal             1 
_pdbx_audit_revision_details.revision_ordinal    1 
_pdbx_audit_revision_details.data_content_type   'Structure model' 
_pdbx_audit_revision_details.provider            repository 
_pdbx_audit_revision_details.type                'Initial release' 
_pdbx_audit_revision_details.description         ? 
_pdbx_audit_revision_details.details             ? 
# 
loop_
_pdbx_audit_revision_group.ordinal 
_pdbx_audit_revision_group.revision_ordinal 
_pdbx_audit_revision_group.data_content_type 
_pdbx_audit_revision_group.group 
1 2 'Structure model' 'Version format compliance' 
2 3 'Structure model' Advisory                    
3 3 'Structure model' 'Version format compliance' 
4 4 'Structure model' 'Data collection'           
5 4 'Structure model' 'Database references'       
6 4 'Structure model' 'Derived calculations'      
7 5 'Structure model' 'Refinement description'    
# 
loop_
_pdbx_audit_revision_category.ordinal 
_pdbx_audit_revision_category.revision_ordinal 
_pdbx_audit_revision_category.data_content_type 
_pdbx_audit_revision_category.category 
1 4 'Structure model' chem_comp_atom                
2 4 'Structure model' chem_comp_bond                
3 4 'Structure model' database_2                    
4 4 'Structure model' struct_conn                   
5 4 'Structure model' struct_site                   
6 5 'Structure model' pdbx_initial_refinement_model 
# 
loop_
_pdbx_audit_revision_item.ordinal 
_pdbx_audit_revision_item.revision_ordinal 
_pdbx_audit_revision_item.data_content_type 
_pdbx_audit_revision_item.item 
1 4 'Structure model' '_database_2.pdbx_DOI'                
2 4 'Structure model' '_database_2.pdbx_database_accession' 
3 4 'Structure model' '_struct_conn.pdbx_leaving_atom_flag' 
4 4 'Structure model' '_struct_site.pdbx_auth_asym_id'      
5 4 'Structure model' '_struct_site.pdbx_auth_comp_id'      
6 4 'Structure model' '_struct_site.pdbx_auth_seq_id'       
# 
_pdbx_database_status.status_code                     REL 
_pdbx_database_status.entry_id                        2H1M 
_pdbx_database_status.recvd_initial_deposition_date   2006-05-16 
_pdbx_database_status.deposit_site                    RCSB 
_pdbx_database_status.process_site                    RCSB 
_pdbx_database_status.status_code_sf                  REL 
_pdbx_database_status.status_code_mr                  ? 
_pdbx_database_status.SG_entry                        ? 
_pdbx_database_status.pdb_format_compatible           Y 
_pdbx_database_status.status_code_cs                  ? 
_pdbx_database_status.status_code_nmr_data            ? 
_pdbx_database_status.methods_development_category    ? 
# 
_audit_author.name           'Serganov, A.A.' 
_audit_author.pdbx_ordinal   1 
# 
loop_
_citation.id 
_citation.title 
_citation.journal_abbrev 
_citation.journal_volume 
_citation.page_first 
_citation.page_last 
_citation.year 
_citation.journal_id_ASTM 
_citation.country 
_citation.journal_id_ISSN 
_citation.journal_id_CSD 
_citation.book_publisher 
_citation.pdbx_database_id_PubMed 
_citation.pdbx_database_id_DOI 
primary 
;Synthesis, Oxidation Behavior, Crystallization and Structure of 2'-Methylseleno Guanosine Containing RNAs.
;
J.Am.Chem.Soc.       128 9909  9918  2006 JACSAT US 0002-7863 0004 ? 16866550 10.1021/ja0621400 
1       
;Syntheses of RNAs with up to 100 nucleotides containing site-specific 2'-methylseleno labels for use in X-ray crystallography.
;
J.Am.Chem.Soc.       127 12035 12045 2005 JACSAT US 0002-7863 0004 ? ?        ?                 
2       'Structural basis for Diels-Alder ribozyme-catalyzed carbon-carbon bond formation.' Nat.Struct.Mol.Biol. 12  218   224   
2005 ?      US 1545-9993 ?    ? ?        ?                 
# 
loop_
_citation_author.citation_id 
_citation_author.name 
_citation_author.ordinal 
_citation_author.identifier_ORCID 
primary 'Moroder, H.'    1  ? 
primary 'Kreutz, C.'     2  ? 
primary 'Lang, K.'       3  ? 
primary 'Serganov, A.'   4  ? 
primary 'Micura, R.'     5  ? 
1       'Hobartner, C.'  6  ? 
1       'Rieder, R.'     7  ? 
1       'Kreutz, C.'     8  ? 
1       'Puffer, B.'     9  ? 
1       'Lang, K.'       10 ? 
1       'Polonskaia, A.' 11 ? 
1       'Serganov, A.A.' 12 ? 
1       'Micura, R.'     13 ? 
2       'Serganov, A.A.' 14 ? 
2       'Keiper, S.'     15 ? 
2       'Malinina, L.'   16 ? 
2       'Tereshko, V.'   17 ? 
2       'Skripkin, E.'   18 ? 
2       'Hobartner, C.'  19 ? 
2       'Polonskaia, A.' 20 ? 
2       'Phan, A.T.'     21 ? 
2       'Wombacher, R.'  22 ? 
2       'Micura, R.'     23 ? 
2       'Dauter, Z.'     24 ? 
2       'Jaschke, A.'    25 ? 
2       'Patel, D.J.'    26 ? 
# 
loop_
_entity.id 
_entity.type 
_entity.src_method 
_entity.pdbx_description 
_entity.formula_weight 
_entity.pdbx_number_of_molecules 
_entity.pdbx_ec 
_entity.pdbx_mutation 
_entity.pdbx_fragment 
_entity.details 
1 polymer     syn "5'-R(*GP*CP*AP*(XUG)P*AP*GP*UP*UP*AP*AP*AP*UP*CP*UP*GP*C)-3'" 5199.090 2 ? ? ? ? 
2 non-polymer syn 'SULFATE ION'                                                  96.063   3 ? ? ? ? 
# 
_entity_poly.entity_id                      1 
_entity_poly.type                           polyribonucleotide 
_entity_poly.nstd_linkage                   no 
_entity_poly.nstd_monomer                   yes 
_entity_poly.pdbx_seq_one_letter_code       'GCA(XUG)AGUUAAAUCUGC' 
_entity_poly.pdbx_seq_one_letter_code_can   GCAGAGUUAAAUCUGC 
_entity_poly.pdbx_strand_id                 A,B 
_entity_poly.pdbx_target_identifier         ? 
# 
_pdbx_entity_nonpoly.entity_id   2 
_pdbx_entity_nonpoly.name        'SULFATE ION' 
_pdbx_entity_nonpoly.comp_id     SO4 
# 
loop_
_entity_poly_seq.entity_id 
_entity_poly_seq.num 
_entity_poly_seq.mon_id 
_entity_poly_seq.hetero 
1 1  G   n 
1 2  C   n 
1 3  A   n 
1 4  XUG n 
1 5  A   n 
1 6  G   n 
1 7  U   n 
1 8  U   n 
1 9  A   n 
1 10 A   n 
1 11 A   n 
1 12 U   n 
1 13 C   n 
1 14 U   n 
1 15 G   n 
1 16 C   n 
# 
loop_
_chem_comp.id 
_chem_comp.type 
_chem_comp.mon_nstd_flag 
_chem_comp.name 
_chem_comp.pdbx_synonyms 
_chem_comp.formula 
_chem_comp.formula_weight 
A   'RNA linking' y "ADENOSINE-5'-MONOPHOSPHATE"                                ? 'C10 H14 N5 O7 P'    347.221 
C   'RNA linking' y "CYTIDINE-5'-MONOPHOSPHATE"                                 ? 'C9 H14 N3 O8 P'     323.197 
G   'RNA linking' y "GUANOSINE-5'-MONOPHOSPHATE"                                ? 'C10 H14 N5 O8 P'    363.221 
SO4 non-polymer   . 'SULFATE ION'                                               ? 'O4 S -2'            96.063  
U   'RNA linking' y "URIDINE-5'-MONOPHOSPHATE"                                  ? 'C9 H13 N2 O9 P'     324.181 
XUG 'DNA linking' n 
;2'-SE-METHYL-2'-SELENOGUANOSINE 5'-(DIHYDROGEN PHOSPHATE)
;
"(D)-2'-METHYLSELENYL-2'-DEOXYGUANOSINE-5'-PHOSPHATE" 'C11 H16 N5 O7 P Se' 440.208 
# 
loop_
_pdbx_poly_seq_scheme.asym_id 
_pdbx_poly_seq_scheme.entity_id 
_pdbx_poly_seq_scheme.seq_id 
_pdbx_poly_seq_scheme.mon_id 
_pdbx_poly_seq_scheme.ndb_seq_num 
_pdbx_poly_seq_scheme.pdb_seq_num 
_pdbx_poly_seq_scheme.auth_seq_num 
_pdbx_poly_seq_scheme.pdb_mon_id 
_pdbx_poly_seq_scheme.auth_mon_id 
_pdbx_poly_seq_scheme.pdb_strand_id 
_pdbx_poly_seq_scheme.pdb_ins_code 
_pdbx_poly_seq_scheme.hetero 
A 1 1  G   1  1  1  G   G   A . n 
A 1 2  C   2  2  2  C   C   A . n 
A 1 3  A   3  3  3  A   A   A . n 
A 1 4  XUG 4  4  4  XUG XUG A . n 
A 1 5  A   5  5  5  A   A   A . n 
A 1 6  G   6  6  6  G   G   A . n 
A 1 7  U   7  7  7  U   U   A . n 
A 1 8  U   8  8  8  U   U   A . n 
A 1 9  A   9  9  9  A   A   A . n 
A 1 10 A   10 10 10 A   A   A . n 
A 1 11 A   11 11 11 A   A   A . n 
A 1 12 U   12 12 12 U   U   A . n 
A 1 13 C   13 13 13 C   C   A . n 
A 1 14 U   14 14 14 U   U   A . n 
A 1 15 G   15 15 15 G   G   A . n 
A 1 16 C   16 16 16 C   C   A . n 
B 1 1  G   1  17 17 G   G   B . n 
B 1 2  C   2  18 18 C   C   B . n 
B 1 3  A   3  19 19 A   A   B . n 
B 1 4  XUG 4  20 20 XUG XUG B . n 
B 1 5  A   5  21 21 A   A   B . n 
B 1 6  G   6  22 22 G   G   B . n 
B 1 7  U   7  23 23 U   U   B . n 
B 1 8  U   8  24 24 U   U   B . n 
B 1 9  A   9  25 25 A   A   B . n 
B 1 10 A   10 26 26 A   A   B . n 
B 1 11 A   11 27 27 A   A   B . n 
B 1 12 U   12 28 28 U   U   B . n 
B 1 13 C   13 29 29 C   C   B . n 
B 1 14 U   14 30 30 U   U   B . n 
B 1 15 G   15 31 31 G   G   B . n 
B 1 16 C   16 32 32 C   C   B . n 
# 
loop_
_pdbx_nonpoly_scheme.asym_id 
_pdbx_nonpoly_scheme.entity_id 
_pdbx_nonpoly_scheme.mon_id 
_pdbx_nonpoly_scheme.ndb_seq_num 
_pdbx_nonpoly_scheme.pdb_seq_num 
_pdbx_nonpoly_scheme.auth_seq_num 
_pdbx_nonpoly_scheme.pdb_mon_id 
_pdbx_nonpoly_scheme.auth_mon_id 
_pdbx_nonpoly_scheme.pdb_strand_id 
_pdbx_nonpoly_scheme.pdb_ins_code 
C 2 SO4 1 17 1 SO4 SO4 A . 
D 2 SO4 1 18 3 SO4 SO4 A . 
E 2 SO4 1 2  2 SO4 SO4 B . 
# 
loop_
_software.name 
_software.classification 
_software.version 
_software.citation_id 
_software.pdbx_ordinal 
REFMAC   refinement        5.2.0005 ? 1 
CBASS    'data collection' .        ? 2 
HKL-2000 'data scaling'    .        ? 3 
MOLREP   phasing           .        ? 4 
# 
_cell.entry_id           2H1M 
_cell.length_a           46.314 
_cell.length_b           46.314 
_cell.length_c           128.348 
_cell.angle_alpha        90.00 
_cell.angle_beta         90.00 
_cell.angle_gamma        120.00 
_cell.Z_PDB              18 
_cell.pdbx_unique_axis   ? 
_cell.length_a_esd       ? 
_cell.length_b_esd       ? 
_cell.length_c_esd       ? 
_cell.angle_alpha_esd    ? 
_cell.angle_beta_esd     ? 
_cell.angle_gamma_esd    ? 
# 
_symmetry.entry_id                         2H1M 
_symmetry.space_group_name_H-M             'H 3' 
_symmetry.pdbx_full_space_group_name_H-M   ? 
_symmetry.cell_setting                     ? 
_symmetry.Int_Tables_number                146 
_symmetry.space_group_name_Hall            ? 
# 
_exptl.entry_id          2H1M 
_exptl.method            'X-RAY DIFFRACTION' 
_exptl.crystals_number   1 
# 
_exptl_crystal.id                    1 
_exptl_crystal.density_meas          ? 
_exptl_crystal.density_Matthews      2.55 
_exptl_crystal.density_percent_sol   51.72 
_exptl_crystal.description           ? 
_exptl_crystal.F_000                 ? 
_exptl_crystal.preparation           ? 
# 
_exptl_crystal_grow.crystal_id      1 
_exptl_crystal_grow.method          'VAPOR DIFFUSION, HANGING DROP' 
_exptl_crystal_grow.temp            293 
_exptl_crystal_grow.temp_details    ? 
_exptl_crystal_grow.pH              5.6 
_exptl_crystal_grow.pdbx_details    
'1.0 M Li2SO4, 0.1 M Na-citrate pH 5.6, 0.5 M ((NH4))2SO4, VAPOR DIFFUSION, HANGING DROP, temperature 293K' 
_exptl_crystal_grow.pdbx_pH_range   . 
# 
loop_
_exptl_crystal_grow_comp.crystal_id 
_exptl_crystal_grow_comp.id 
_exptl_crystal_grow_comp.sol_id 
_exptl_crystal_grow_comp.name 
_exptl_crystal_grow_comp.volume 
_exptl_crystal_grow_comp.conc 
_exptl_crystal_grow_comp.details 
1 1 1 Li2SO4       ? ? ? 
1 2 1 Na-citrate   ? ? ? 
1 3 1 '(NH4))2SO4' ? ? ? 
1 4 1 H2O          ? ? ? 
1 5 2 Li2SO4       ? ? ? 
1 6 2 Na-citrate   ? ? ? 
1 7 2 H2O          ? ? ? 
# 
_diffrn.id                     1 
_diffrn.ambient_temp           100 
_diffrn.ambient_temp_details   ? 
_diffrn.crystal_id             1 
# 
_diffrn_detector.diffrn_id              1 
_diffrn_detector.detector               CCD 
_diffrn_detector.type                   'ADSC QUANTUM 315' 
_diffrn_detector.pdbx_collection_date   2005-10-11 
_diffrn_detector.details                ? 
# 
_diffrn_radiation.diffrn_id                        1 
_diffrn_radiation.wavelength_id                    1 
_diffrn_radiation.pdbx_monochromatic_or_laue_m_l   M 
_diffrn_radiation.monochromator                    'SI 111 CHANNEL' 
_diffrn_radiation.pdbx_diffrn_protocol             'SINGLE WAVELENGTH' 
_diffrn_radiation.pdbx_scattering_type             x-ray 
# 
_diffrn_radiation_wavelength.id           1 
_diffrn_radiation_wavelength.wavelength   0.978948 
_diffrn_radiation_wavelength.wt           1.0 
# 
_diffrn_source.diffrn_id                   1 
_diffrn_source.source                      SYNCHROTRON 
_diffrn_source.type                        'NSLS BEAMLINE X25' 
_diffrn_source.pdbx_synchrotron_site       NSLS 
_diffrn_source.pdbx_synchrotron_beamline   X25 
_diffrn_source.pdbx_wavelength             ? 
_diffrn_source.pdbx_wavelength_list        0.978948 
# 
_reflns.entry_id                     2H1M 
_reflns.observed_criterion_sigma_F   0 
_reflns.observed_criterion_sigma_I   0 
_reflns.d_resolution_high            2.9 
_reflns.d_resolution_low             20 
_reflns.number_all                   2227 
_reflns.number_obs                   2227 
_reflns.percent_possible_obs         97.2 
_reflns.pdbx_Rmerge_I_obs            ? 
_reflns.pdbx_Rsym_value              0.112 
_reflns.pdbx_netI_over_sigmaI        12.7 
_reflns.B_iso_Wilson_estimate        ? 
_reflns.pdbx_redundancy              ? 
_reflns.R_free_details               ? 
_reflns.pdbx_chi_squared             ? 
_reflns.pdbx_scaling_rejects         ? 
_reflns.pdbx_ordinal                 1 
_reflns.pdbx_diffrn_id               1 
# 
_reflns_shell.d_res_high             2.9 
_reflns_shell.d_res_low              3.0 
_reflns_shell.percent_possible_all   99.5 
_reflns_shell.Rmerge_I_obs           ? 
_reflns_shell.pdbx_Rsym_value        0.32 
_reflns_shell.meanI_over_sigI_obs    6.5 
_reflns_shell.pdbx_redundancy        ? 
_reflns_shell.percent_possible_obs   ? 
_reflns_shell.number_unique_all      221 
_reflns_shell.number_measured_all    ? 
_reflns_shell.number_measured_obs    ? 
_reflns_shell.number_unique_obs      ? 
_reflns_shell.pdbx_chi_squared       ? 
_reflns_shell.pdbx_ordinal           1 
_reflns_shell.pdbx_diffrn_id         1 
# 
_refine.entry_id                                 2H1M 
_refine.ls_number_reflns_obs                     2118 
_refine.ls_number_reflns_all                     2227 
_refine.pdbx_ls_sigma_I                          ? 
_refine.pdbx_ls_sigma_F                          0 
_refine.pdbx_data_cutoff_high_absF               ? 
_refine.pdbx_data_cutoff_low_absF                ? 
_refine.pdbx_data_cutoff_high_rms_absF           ? 
_refine.ls_d_res_low                             20.00 
_refine.ls_d_res_high                            2.90 
_refine.ls_percent_reflns_obs                    97.24 
_refine.ls_R_factor_obs                          0.21352 
_refine.ls_R_factor_all                          0.21352 
_refine.ls_R_factor_R_work                       0.21225 
_refine.ls_R_factor_R_free                       0.2386 
_refine.ls_R_factor_R_free_error                 ? 
_refine.ls_R_factor_R_free_error_details         ? 
_refine.ls_percent_reflns_R_free                 4.6 
_refine.ls_number_reflns_R_free                  102 
_refine.ls_number_parameters                     ? 
_refine.ls_number_restraints                     ? 
_refine.occupancy_min                            ? 
_refine.occupancy_max                            ? 
_refine.correlation_coeff_Fo_to_Fc               0.942 
_refine.correlation_coeff_Fo_to_Fc_free          0.949 
_refine.B_iso_mean                               35.247 
_refine.aniso_B[1][1]                            0.86 
_refine.aniso_B[2][2]                            0.86 
_refine.aniso_B[3][3]                            -1.29 
_refine.aniso_B[1][2]                            0.43 
_refine.aniso_B[1][3]                            0.00 
_refine.aniso_B[2][3]                            0.00 
_refine.solvent_model_details                    MASK 
_refine.solvent_model_param_ksol                 ? 
_refine.solvent_model_param_bsol                 ? 
_refine.pdbx_solvent_vdw_probe_radii             1.20 
_refine.pdbx_solvent_ion_probe_radii             0.80 
_refine.pdbx_solvent_shrinkage_radii             0.80 
_refine.pdbx_ls_cross_valid_method               THROUGHOUT 
_refine.details                                  'HYDROGENS HAVE BEEN ADDED IN THE RIDING POSITIONS' 
_refine.pdbx_starting_model                      'Similar RNA structure from the crystal grown in different conditions.' 
_refine.pdbx_method_to_determine_struct          'MOLECULAR REPLACEMENT' 
_refine.pdbx_isotropic_thermal_model             ? 
_refine.pdbx_stereochemistry_target_values       'MAXIMUM LIKELIHOOD' 
_refine.pdbx_stereochem_target_val_spec_case     ? 
_refine.pdbx_R_Free_selection_details            RANDOM 
_refine.pdbx_overall_ESU_R                       ? 
_refine.pdbx_overall_ESU_R_Free                  0.406 
_refine.overall_SU_ML                            0.323 
_refine.overall_SU_B                             42.148 
_refine.ls_redundancy_reflns_obs                 ? 
_refine.overall_SU_R_Cruickshank_DPI             ? 
_refine.overall_SU_R_free                        ? 
_refine.ls_wR_factor_R_free                      ? 
_refine.ls_wR_factor_R_work                      ? 
_refine.overall_FOM_free_R_set                   ? 
_refine.overall_FOM_work_R_set                   ? 
_refine.pdbx_refine_id                           'X-RAY DIFFRACTION' 
_refine.pdbx_TLS_residual_ADP_flag               'LIKELY RESIDUAL' 
_refine.pdbx_diffrn_id                           1 
_refine.pdbx_overall_phase_error                 ? 
_refine.pdbx_overall_SU_R_free_Cruickshank_DPI   ? 
_refine.pdbx_overall_SU_R_Blow_DPI               ? 
_refine.pdbx_overall_SU_R_free_Blow_DPI          ? 
# 
_refine_hist.pdbx_refine_id                   'X-RAY DIFFRACTION' 
_refine_hist.cycle_id                         LAST 
_refine_hist.pdbx_number_atoms_protein        0 
_refine_hist.pdbx_number_atoms_nucleic_acid   680 
_refine_hist.pdbx_number_atoms_ligand         15 
_refine_hist.number_atoms_solvent             0 
_refine_hist.number_atoms_total               695 
_refine_hist.d_res_high                       2.90 
_refine_hist.d_res_low                        20.00 
# 
loop_
_refine_ls_restr.type 
_refine_ls_restr.dev_ideal 
_refine_ls_restr.dev_ideal_target 
_refine_ls_restr.weight 
_refine_ls_restr.number 
_refine_ls_restr.pdbx_refine_id 
_refine_ls_restr.pdbx_restraint_function 
r_bond_refined_d         0.005 0.021 ? 772  'X-RAY DIFFRACTION' ? 
r_angle_refined_deg      1.125 3.000 ? 1198 'X-RAY DIFFRACTION' ? 
r_chiral_restr           0.047 0.200 ? 156  'X-RAY DIFFRACTION' ? 
r_gen_planes_refined     0.001 0.020 ? 332  'X-RAY DIFFRACTION' ? 
r_nbd_refined            0.154 0.200 ? 292  'X-RAY DIFFRACTION' ? 
r_nbtor_refined          0.269 0.200 ? 496  'X-RAY DIFFRACTION' ? 
r_xyhbond_nbd_refined    0.134 0.200 ? 9    'X-RAY DIFFRACTION' ? 
r_symmetry_vdw_refined   0.108 0.200 ? 34   'X-RAY DIFFRACTION' ? 
r_symmetry_hbond_refined 0.081 0.200 ? 2    'X-RAY DIFFRACTION' ? 
r_scbond_it              0.471 3.000 ? 1088 'X-RAY DIFFRACTION' ? 
r_scangle_it             0.922 4.500 ? 1198 'X-RAY DIFFRACTION' ? 
# 
_refine_ls_shell.pdbx_total_number_of_bins_used   20 
_refine_ls_shell.d_res_high                       2.900 
_refine_ls_shell.d_res_low                        2.974 
_refine_ls_shell.number_reflns_R_work             170 
_refine_ls_shell.R_factor_R_work                  0.343 
_refine_ls_shell.percent_reflns_obs               99.44 
_refine_ls_shell.R_factor_R_free                  0.249 
_refine_ls_shell.R_factor_R_free_error            ? 
_refine_ls_shell.percent_reflns_R_free            ? 
_refine_ls_shell.number_reflns_R_free             6 
_refine_ls_shell.number_reflns_all                ? 
_refine_ls_shell.R_factor_all                     ? 
_refine_ls_shell.number_reflns_obs                ? 
_refine_ls_shell.redundancy_reflns_obs            ? 
_refine_ls_shell.pdbx_refine_id                   'X-RAY DIFFRACTION' 
# 
_struct.entry_id                  2H1M 
_struct.title                     
;Synthesis, Oxidation Behavior, Crystallization and Structure of 2'-Methylseleno Guanosine Containing RNAs
;
_struct.pdbx_model_details        ? 
_struct.pdbx_CASP_flag            ? 
_struct.pdbx_model_type_details   ? 
# 
_struct_keywords.entry_id        2H1M 
_struct_keywords.pdbx_keywords   RNA 
_struct_keywords.text            
;A-RNA STRUCTURE, MISMATCH A RNA, RIBONUCLEIC ACID, Se 2'-methylSe, RNA
;
# 
loop_
_struct_asym.id 
_struct_asym.pdbx_blank_PDB_chainid_flag 
_struct_asym.pdbx_modified 
_struct_asym.entity_id 
_struct_asym.details 
A N N 1 ? 
B N N 1 ? 
C N N 2 ? 
D N N 2 ? 
E N N 2 ? 
# 
_struct_ref.id                         1 
_struct_ref.entity_id                  1 
_struct_ref.db_name                    PDB 
_struct_ref.db_code                    2H1M 
_struct_ref.pdbx_db_accession          2H1M 
_struct_ref.pdbx_db_isoform            ? 
_struct_ref.pdbx_seq_one_letter_code   ? 
_struct_ref.pdbx_align_begin           ? 
# 
loop_
_struct_ref_seq.align_id 
_struct_ref_seq.ref_id 
_struct_ref_seq.pdbx_PDB_id_code 
_struct_ref_seq.pdbx_strand_id 
_struct_ref_seq.seq_align_beg 
_struct_ref_seq.pdbx_seq_align_beg_ins_code 
_struct_ref_seq.seq_align_end 
_struct_ref_seq.pdbx_seq_align_end_ins_code 
_struct_ref_seq.pdbx_db_accession 
_struct_ref_seq.db_align_beg 
_struct_ref_seq.pdbx_db_align_beg_ins_code 
_struct_ref_seq.db_align_end 
_struct_ref_seq.pdbx_db_align_end_ins_code 
_struct_ref_seq.pdbx_auth_seq_align_beg 
_struct_ref_seq.pdbx_auth_seq_align_end 
1 1 2H1M A 1 ? 16 ? 2H1M 1  ? 16 ? 1  16 
2 1 2H1M B 1 ? 16 ? 2H1M 17 ? 32 ? 17 32 
# 
_pdbx_struct_assembly.id                   1 
_pdbx_struct_assembly.details              author_defined_assembly 
_pdbx_struct_assembly.method_details       ? 
_pdbx_struct_assembly.oligomeric_details   dimeric 
_pdbx_struct_assembly.oligomeric_count     2 
# 
_pdbx_struct_assembly_gen.assembly_id       1 
_pdbx_struct_assembly_gen.oper_expression   1 
_pdbx_struct_assembly_gen.asym_id_list      A,B,C,D,E 
# 
_pdbx_struct_oper_list.id                   1 
_pdbx_struct_oper_list.type                 'identity operation' 
_pdbx_struct_oper_list.name                 1_555 
_pdbx_struct_oper_list.symmetry_operation   x,y,z 
_pdbx_struct_oper_list.matrix[1][1]         1.0000000000 
_pdbx_struct_oper_list.matrix[1][2]         0.0000000000 
_pdbx_struct_oper_list.matrix[1][3]         0.0000000000 
_pdbx_struct_oper_list.vector[1]            0.0000000000 
_pdbx_struct_oper_list.matrix[2][1]         0.0000000000 
_pdbx_struct_oper_list.matrix[2][2]         1.0000000000 
_pdbx_struct_oper_list.matrix[2][3]         0.0000000000 
_pdbx_struct_oper_list.vector[2]            0.0000000000 
_pdbx_struct_oper_list.matrix[3][1]         0.0000000000 
_pdbx_struct_oper_list.matrix[3][2]         0.0000000000 
_pdbx_struct_oper_list.matrix[3][3]         1.0000000000 
_pdbx_struct_oper_list.vector[3]            0.0000000000 
# 
_struct_biol.id                    1 
_struct_biol.details               'The biological assembly is a duplex RNA.' 
_struct_biol.pdbx_parent_biol_id   ? 
# 
loop_
_struct_conn.id 
_struct_conn.conn_type_id 
_struct_conn.pdbx_leaving_atom_flag 
_struct_conn.pdbx_PDB_id 
_struct_conn.ptnr1_label_asym_id 
_struct_conn.ptnr1_label_comp_id 
_struct_conn.ptnr1_label_seq_id 
_struct_conn.ptnr1_label_atom_id 
_struct_conn.pdbx_ptnr1_label_alt_id 
_struct_conn.pdbx_ptnr1_PDB_ins_code 
_struct_conn.pdbx_ptnr1_standard_comp_id 
_struct_conn.ptnr1_symmetry 
_struct_conn.ptnr2_label_asym_id 
_struct_conn.ptnr2_label_comp_id 
_struct_conn.ptnr2_label_seq_id 
_struct_conn.ptnr2_label_atom_id 
_struct_conn.pdbx_ptnr2_label_alt_id 
_struct_conn.pdbx_ptnr2_PDB_ins_code 
_struct_conn.ptnr1_auth_asym_id 
_struct_conn.ptnr1_auth_comp_id 
_struct_conn.ptnr1_auth_seq_id 
_struct_conn.ptnr2_auth_asym_id 
_struct_conn.ptnr2_auth_comp_id 
_struct_conn.ptnr2_auth_seq_id 
_struct_conn.ptnr2_symmetry 
_struct_conn.pdbx_ptnr3_label_atom_id 
_struct_conn.pdbx_ptnr3_label_seq_id 
_struct_conn.pdbx_ptnr3_label_comp_id 
_struct_conn.pdbx_ptnr3_label_asym_id 
_struct_conn.pdbx_ptnr3_label_alt_id 
_struct_conn.pdbx_ptnr3_PDB_ins_code 
_struct_conn.details 
_struct_conn.pdbx_dist_value 
_struct_conn.pdbx_value_order 
_struct_conn.pdbx_role 
covale1  covale both ? A A   3  "O3'" ? ? ? 1_555 A XUG 4  P  ? ? A A   3  A XUG 4  1_555 ? ? ? ? ? ? ?             1.599 ? ? 
covale2  covale both ? A XUG 4  "O3'" ? ? ? 1_555 A A   5  P  ? ? A XUG 4  A A   5  1_555 ? ? ? ? ? ? ?             1.596 ? ? 
covale3  covale both ? B A   3  "O3'" ? ? ? 1_555 B XUG 4  P  ? ? B A   19 B XUG 20 1_555 ? ? ? ? ? ? ?             1.598 ? ? 
covale4  covale both ? B XUG 4  "O3'" ? ? ? 1_555 B A   5  P  ? ? B XUG 20 B A   21 1_555 ? ? ? ? ? ? ?             1.598 ? ? 
hydrog1  hydrog ?    ? A G   1  N1    ? ? ? 1_555 B C   16 N3 ? ? A G   1  B C   32 1_555 ? ? ? ? ? ? WATSON-CRICK  ?     ? ? 
hydrog2  hydrog ?    ? A G   1  N2    ? ? ? 1_555 B C   16 O2 ? ? A G   1  B C   32 1_555 ? ? ? ? ? ? WATSON-CRICK  ?     ? ? 
hydrog3  hydrog ?    ? A G   1  O6    ? ? ? 1_555 B C   16 N4 ? ? A G   1  B C   32 1_555 ? ? ? ? ? ? WATSON-CRICK  ?     ? ? 
hydrog4  hydrog ?    ? A C   2  N3    ? ? ? 1_555 B G   15 N1 ? ? A C   2  B G   31 1_555 ? ? ? ? ? ? WATSON-CRICK  ?     ? ? 
hydrog5  hydrog ?    ? A C   2  N4    ? ? ? 1_555 B G   15 O6 ? ? A C   2  B G   31 1_555 ? ? ? ? ? ? WATSON-CRICK  ?     ? ? 
hydrog6  hydrog ?    ? A C   2  O2    ? ? ? 1_555 B G   15 N2 ? ? A C   2  B G   31 1_555 ? ? ? ? ? ? WATSON-CRICK  ?     ? ? 
hydrog7  hydrog ?    ? A A   3  N1    ? ? ? 1_555 B U   14 N3 ? ? A A   3  B U   30 1_555 ? ? ? ? ? ? WATSON-CRICK  ?     ? ? 
hydrog8  hydrog ?    ? A A   3  N6    ? ? ? 1_555 B U   14 O4 ? ? A A   3  B U   30 1_555 ? ? ? ? ? ? WATSON-CRICK  ?     ? ? 
hydrog9  hydrog ?    ? A XUG 4  N1    ? ? ? 1_555 B C   13 N3 ? ? A XUG 4  B C   29 1_555 ? ? ? ? ? ? WATSON-CRICK  ?     ? ? 
hydrog10 hydrog ?    ? A XUG 4  N2    ? ? ? 1_555 B C   13 O2 ? ? A XUG 4  B C   29 1_555 ? ? ? ? ? ? WATSON-CRICK  ?     ? ? 
hydrog11 hydrog ?    ? A XUG 4  O6    ? ? ? 1_555 B C   13 N4 ? ? A XUG 4  B C   29 1_555 ? ? ? ? ? ? WATSON-CRICK  ?     ? ? 
hydrog12 hydrog ?    ? A A   5  N1    ? ? ? 1_555 B U   12 N3 ? ? A A   5  B U   28 1_555 ? ? ? ? ? ? WATSON-CRICK  ?     ? ? 
hydrog13 hydrog ?    ? A A   5  N6    ? ? ? 1_555 B U   12 O4 ? ? A A   5  B U   28 1_555 ? ? ? ? ? ? WATSON-CRICK  ?     ? ? 
hydrog14 hydrog ?    ? A G   6  O6    ? ? ? 1_555 B A   11 N6 ? ? A G   6  B A   27 1_555 ? ? ? ? ? ? 'G-A MISPAIR' ?     ? ? 
hydrog15 hydrog ?    ? A U   7  N3    ? ? ? 1_555 B A   10 N1 ? ? A U   7  B A   26 1_555 ? ? ? ? ? ? WATSON-CRICK  ?     ? ? 
hydrog16 hydrog ?    ? A U   7  O4    ? ? ? 1_555 B A   10 N6 ? ? A U   7  B A   26 1_555 ? ? ? ? ? ? WATSON-CRICK  ?     ? ? 
hydrog17 hydrog ?    ? A U   8  N3    ? ? ? 1_555 B A   9  N1 ? ? A U   8  B A   25 1_555 ? ? ? ? ? ? 'U-A PAIR'    ?     ? ? 
hydrog18 hydrog ?    ? A A   9  N1    ? ? ? 1_555 B U   8  N3 ? ? A A   9  B U   24 1_555 ? ? ? ? ? ? WATSON-CRICK  ?     ? ? 
hydrog19 hydrog ?    ? A A   9  N6    ? ? ? 1_555 B U   8  O4 ? ? A A   9  B U   24 1_555 ? ? ? ? ? ? WATSON-CRICK  ?     ? ? 
hydrog20 hydrog ?    ? A A   10 N1    ? ? ? 1_555 B U   7  N3 ? ? A A   10 B U   23 1_555 ? ? ? ? ? ? WATSON-CRICK  ?     ? ? 
hydrog21 hydrog ?    ? A A   10 N6    ? ? ? 1_555 B U   7  O4 ? ? A A   10 B U   23 1_555 ? ? ? ? ? ? WATSON-CRICK  ?     ? ? 
hydrog22 hydrog ?    ? A U   12 N3    ? ? ? 1_555 B A   5  N1 ? ? A U   12 B A   21 1_555 ? ? ? ? ? ? WATSON-CRICK  ?     ? ? 
hydrog23 hydrog ?    ? A U   12 O4    ? ? ? 1_555 B A   5  N6 ? ? A U   12 B A   21 1_555 ? ? ? ? ? ? WATSON-CRICK  ?     ? ? 
hydrog24 hydrog ?    ? A C   13 N3    ? ? ? 1_555 B XUG 4  N1 ? ? A C   13 B XUG 20 1_555 ? ? ? ? ? ? WATSON-CRICK  ?     ? ? 
hydrog25 hydrog ?    ? A C   13 N4    ? ? ? 1_555 B XUG 4  O6 ? ? A C   13 B XUG 20 1_555 ? ? ? ? ? ? WATSON-CRICK  ?     ? ? 
hydrog26 hydrog ?    ? A C   13 O2    ? ? ? 1_555 B XUG 4  N2 ? ? A C   13 B XUG 20 1_555 ? ? ? ? ? ? WATSON-CRICK  ?     ? ? 
hydrog27 hydrog ?    ? A U   14 N3    ? ? ? 1_555 B A   3  N1 ? ? A U   14 B A   19 1_555 ? ? ? ? ? ? WATSON-CRICK  ?     ? ? 
hydrog28 hydrog ?    ? A U   14 O4    ? ? ? 1_555 B A   3  N6 ? ? A U   14 B A   19 1_555 ? ? ? ? ? ? WATSON-CRICK  ?     ? ? 
hydrog29 hydrog ?    ? A G   15 N1    ? ? ? 1_555 B C   2  N3 ? ? A G   15 B C   18 1_555 ? ? ? ? ? ? WATSON-CRICK  ?     ? ? 
hydrog30 hydrog ?    ? A G   15 N2    ? ? ? 1_555 B C   2  O2 ? ? A G   15 B C   18 1_555 ? ? ? ? ? ? WATSON-CRICK  ?     ? ? 
hydrog31 hydrog ?    ? A G   15 O6    ? ? ? 1_555 B C   2  N4 ? ? A G   15 B C   18 1_555 ? ? ? ? ? ? WATSON-CRICK  ?     ? ? 
hydrog32 hydrog ?    ? A C   16 N3    ? ? ? 1_555 B G   1  N1 ? ? A C   16 B G   17 1_555 ? ? ? ? ? ? WATSON-CRICK  ?     ? ? 
hydrog33 hydrog ?    ? A C   16 N4    ? ? ? 1_555 B G   1  O6 ? ? A C   16 B G   17 1_555 ? ? ? ? ? ? WATSON-CRICK  ?     ? ? 
hydrog34 hydrog ?    ? A C   16 O2    ? ? ? 1_555 B G   1  N2 ? ? A C   16 B G   17 1_555 ? ? ? ? ? ? WATSON-CRICK  ?     ? ? 
# 
loop_
_struct_conn_type.id 
_struct_conn_type.criteria 
_struct_conn_type.reference 
covale ? ? 
hydrog ? ? 
# 
loop_
_struct_site.id 
_struct_site.pdbx_evidence_code 
_struct_site.pdbx_auth_asym_id 
_struct_site.pdbx_auth_comp_id 
_struct_site.pdbx_auth_seq_id 
_struct_site.pdbx_auth_ins_code 
_struct_site.pdbx_num_residues 
_struct_site.details 
AC1 Software A SO4 17 ? 2 'BINDING SITE FOR RESIDUE SO4 A 17' 
AC2 Software B SO4 2  ? 2 'BINDING SITE FOR RESIDUE SO4 B 2'  
AC3 Software A SO4 18 ? 2 'BINDING SITE FOR RESIDUE SO4 A 18' 
# 
loop_
_struct_site_gen.id 
_struct_site_gen.site_id 
_struct_site_gen.pdbx_num_res 
_struct_site_gen.label_comp_id 
_struct_site_gen.label_asym_id 
_struct_site_gen.label_seq_id 
_struct_site_gen.pdbx_auth_ins_code 
_struct_site_gen.auth_comp_id 
_struct_site_gen.auth_asym_id 
_struct_site_gen.auth_seq_id 
_struct_site_gen.label_atom_id 
_struct_site_gen.label_alt_id 
_struct_site_gen.symmetry 
_struct_site_gen.details 
1 AC1 2 C A 2  ? C A 2  . ? 1_555 ? 
2 AC1 2 C B 13 ? C B 29 . ? 1_555 ? 
3 AC2 2 C B 2  ? C B 18 . ? 1_555 ? 
4 AC2 2 A B 3  ? A B 19 . ? 1_555 ? 
5 AC3 2 G A 1  ? G A 1  . ? 5_565 ? 
6 AC3 2 C A 16 ? C A 16 . ? 1_555 ? 
# 
loop_
_pdbx_struct_mod_residue.id 
_pdbx_struct_mod_residue.label_asym_id 
_pdbx_struct_mod_residue.label_comp_id 
_pdbx_struct_mod_residue.label_seq_id 
_pdbx_struct_mod_residue.auth_asym_id 
_pdbx_struct_mod_residue.auth_comp_id 
_pdbx_struct_mod_residue.auth_seq_id 
_pdbx_struct_mod_residue.PDB_ins_code 
_pdbx_struct_mod_residue.parent_comp_id 
_pdbx_struct_mod_residue.details 
1 A XUG 4 A XUG 4  ? DG ? 
2 B XUG 4 B XUG 20 ? DG ? 
# 
_pdbx_refine_tls.id               1 
_pdbx_refine_tls.details          ? 
_pdbx_refine_tls.method           refined 
_pdbx_refine_tls.origin_x         -0.0267 
_pdbx_refine_tls.origin_y         -0.0324 
_pdbx_refine_tls.origin_z         0.0009 
_pdbx_refine_tls.T[1][1]          0.3022 
_pdbx_refine_tls.T[2][2]          0.2112 
_pdbx_refine_tls.T[3][3]          0.1262 
_pdbx_refine_tls.T[1][2]          -0.1004 
_pdbx_refine_tls.T[1][3]          0.0195 
_pdbx_refine_tls.T[2][3]          -0.0106 
_pdbx_refine_tls.L[1][1]          2.0776 
_pdbx_refine_tls.L[2][2]          4.4177 
_pdbx_refine_tls.L[3][3]          0.2913 
_pdbx_refine_tls.L[1][2]          2.5222 
_pdbx_refine_tls.L[1][3]          -0.7175 
_pdbx_refine_tls.L[2][3]          -1.1137 
_pdbx_refine_tls.S[1][1]          0.5178 
_pdbx_refine_tls.S[1][2]          -0.2658 
_pdbx_refine_tls.S[1][3]          0.0677 
_pdbx_refine_tls.S[2][1]          0.5703 
_pdbx_refine_tls.S[2][2]          -0.3551 
_pdbx_refine_tls.S[2][3]          -0.0138 
_pdbx_refine_tls.S[3][1]          -0.2022 
_pdbx_refine_tls.S[3][2]          0.1101 
_pdbx_refine_tls.S[3][3]          -0.1628 
_pdbx_refine_tls.pdbx_refine_id   'X-RAY DIFFRACTION' 
# 
loop_
_pdbx_refine_tls_group.id 
_pdbx_refine_tls_group.refine_tls_id 
_pdbx_refine_tls_group.beg_auth_asym_id 
_pdbx_refine_tls_group.beg_auth_seq_id 
_pdbx_refine_tls_group.beg_label_asym_id 
_pdbx_refine_tls_group.beg_label_seq_id 
_pdbx_refine_tls_group.end_auth_asym_id 
_pdbx_refine_tls_group.end_auth_seq_id 
_pdbx_refine_tls_group.end_label_asym_id 
_pdbx_refine_tls_group.end_label_seq_id 
_pdbx_refine_tls_group.selection 
_pdbx_refine_tls_group.pdbx_refine_id 
_pdbx_refine_tls_group.selection_details 
1 1 A 1  A 1 A 16 A 16 ? 'X-RAY DIFFRACTION' ? 
2 1 B 17 B 1 B 32 B 16 ? 'X-RAY DIFFRACTION' ? 
3 1 A 17 C 1 A 18 E 1  ? 'X-RAY DIFFRACTION' ? 
# 
loop_
_chem_comp_atom.comp_id 
_chem_comp_atom.atom_id 
_chem_comp_atom.type_symbol 
_chem_comp_atom.pdbx_aromatic_flag 
_chem_comp_atom.pdbx_stereo_config 
_chem_comp_atom.pdbx_ordinal 
A   OP3    O  N N 1   
A   P      P  N N 2   
A   OP1    O  N N 3   
A   OP2    O  N N 4   
A   "O5'"  O  N N 5   
A   "C5'"  C  N N 6   
A   "C4'"  C  N R 7   
A   "O4'"  O  N N 8   
A   "C3'"  C  N S 9   
A   "O3'"  O  N N 10  
A   "C2'"  C  N R 11  
A   "O2'"  O  N N 12  
A   "C1'"  C  N R 13  
A   N9     N  Y N 14  
A   C8     C  Y N 15  
A   N7     N  Y N 16  
A   C5     C  Y N 17  
A   C6     C  Y N 18  
A   N6     N  N N 19  
A   N1     N  Y N 20  
A   C2     C  Y N 21  
A   N3     N  Y N 22  
A   C4     C  Y N 23  
A   HOP3   H  N N 24  
A   HOP2   H  N N 25  
A   "H5'"  H  N N 26  
A   "H5''" H  N N 27  
A   "H4'"  H  N N 28  
A   "H3'"  H  N N 29  
A   "HO3'" H  N N 30  
A   "H2'"  H  N N 31  
A   "HO2'" H  N N 32  
A   "H1'"  H  N N 33  
A   H8     H  N N 34  
A   H61    H  N N 35  
A   H62    H  N N 36  
A   H2     H  N N 37  
C   OP3    O  N N 38  
C   P      P  N N 39  
C   OP1    O  N N 40  
C   OP2    O  N N 41  
C   "O5'"  O  N N 42  
C   "C5'"  C  N N 43  
C   "C4'"  C  N R 44  
C   "O4'"  O  N N 45  
C   "C3'"  C  N S 46  
C   "O3'"  O  N N 47  
C   "C2'"  C  N R 48  
C   "O2'"  O  N N 49  
C   "C1'"  C  N R 50  
C   N1     N  N N 51  
C   C2     C  N N 52  
C   O2     O  N N 53  
C   N3     N  N N 54  
C   C4     C  N N 55  
C   N4     N  N N 56  
C   C5     C  N N 57  
C   C6     C  N N 58  
C   HOP3   H  N N 59  
C   HOP2   H  N N 60  
C   "H5'"  H  N N 61  
C   "H5''" H  N N 62  
C   "H4'"  H  N N 63  
C   "H3'"  H  N N 64  
C   "HO3'" H  N N 65  
C   "H2'"  H  N N 66  
C   "HO2'" H  N N 67  
C   "H1'"  H  N N 68  
C   H41    H  N N 69  
C   H42    H  N N 70  
C   H5     H  N N 71  
C   H6     H  N N 72  
G   OP3    O  N N 73  
G   P      P  N N 74  
G   OP1    O  N N 75  
G   OP2    O  N N 76  
G   "O5'"  O  N N 77  
G   "C5'"  C  N N 78  
G   "C4'"  C  N R 79  
G   "O4'"  O  N N 80  
G   "C3'"  C  N S 81  
G   "O3'"  O  N N 82  
G   "C2'"  C  N R 83  
G   "O2'"  O  N N 84  
G   "C1'"  C  N R 85  
G   N9     N  Y N 86  
G   C8     C  Y N 87  
G   N7     N  Y N 88  
G   C5     C  Y N 89  
G   C6     C  N N 90  
G   O6     O  N N 91  
G   N1     N  N N 92  
G   C2     C  N N 93  
G   N2     N  N N 94  
G   N3     N  N N 95  
G   C4     C  Y N 96  
G   HOP3   H  N N 97  
G   HOP2   H  N N 98  
G   "H5'"  H  N N 99  
G   "H5''" H  N N 100 
G   "H4'"  H  N N 101 
G   "H3'"  H  N N 102 
G   "HO3'" H  N N 103 
G   "H2'"  H  N N 104 
G   "HO2'" H  N N 105 
G   "H1'"  H  N N 106 
G   H8     H  N N 107 
G   H1     H  N N 108 
G   H21    H  N N 109 
G   H22    H  N N 110 
SO4 S      S  N N 111 
SO4 O1     O  N N 112 
SO4 O2     O  N N 113 
SO4 O3     O  N N 114 
SO4 O4     O  N N 115 
U   OP3    O  N N 116 
U   P      P  N N 117 
U   OP1    O  N N 118 
U   OP2    O  N N 119 
U   "O5'"  O  N N 120 
U   "C5'"  C  N N 121 
U   "C4'"  C  N R 122 
U   "O4'"  O  N N 123 
U   "C3'"  C  N S 124 
U   "O3'"  O  N N 125 
U   "C2'"  C  N R 126 
U   "O2'"  O  N N 127 
U   "C1'"  C  N R 128 
U   N1     N  N N 129 
U   C2     C  N N 130 
U   O2     O  N N 131 
U   N3     N  N N 132 
U   C4     C  N N 133 
U   O4     O  N N 134 
U   C5     C  N N 135 
U   C6     C  N N 136 
U   HOP3   H  N N 137 
U   HOP2   H  N N 138 
U   "H5'"  H  N N 139 
U   "H5''" H  N N 140 
U   "H4'"  H  N N 141 
U   "H3'"  H  N N 142 
U   "HO3'" H  N N 143 
U   "H2'"  H  N N 144 
U   "HO2'" H  N N 145 
U   "H1'"  H  N N 146 
U   H3     H  N N 147 
U   H5     H  N N 148 
U   H6     H  N N 149 
XUG O6     O  N N 150 
XUG C6     C  N N 151 
XUG C5     C  Y N 152 
XUG N7     N  Y N 153 
XUG C8     C  Y N 154 
XUG N1     N  N N 155 
XUG C2     C  N N 156 
XUG N2     N  N N 157 
XUG N3     N  N N 158 
XUG C4     C  Y N 159 
XUG N9     N  Y N 160 
XUG "C1'"  C  N R 161 
XUG "O4'"  O  N N 162 
XUG "C2'"  C  N R 163 
XUG "SE2'" SE N N 164 
XUG "CA'"  C  N N 165 
XUG "C3'"  C  N R 166 
XUG "O3'"  O  N N 167 
XUG "C4'"  C  N R 168 
XUG "C5'"  C  N N 169 
XUG "O5'"  O  N N 170 
XUG P      P  N N 171 
XUG OP1    O  N N 172 
XUG OP2    O  N N 173 
XUG OP3    O  N N 174 
XUG H8     H  N N 175 
XUG HN1    H  N N 176 
XUG HN21   H  N N 177 
XUG HN22   H  N N 178 
XUG "H1'"  H  N N 179 
XUG "H2'"  H  N N 180 
XUG "HA'1" H  N N 181 
XUG "HA'2" H  N N 182 
XUG "HA'3" H  N N 183 
XUG "H3'"  H  N N 184 
XUG "HO3'" H  N N 185 
XUG "H4'"  H  N N 186 
XUG "H5'"  H  N N 187 
XUG "H5''" H  N N 188 
XUG HOP2   H  N N 189 
XUG HOP3   H  N N 190 
# 
loop_
_chem_comp_bond.comp_id 
_chem_comp_bond.atom_id_1 
_chem_comp_bond.atom_id_2 
_chem_comp_bond.value_order 
_chem_comp_bond.pdbx_aromatic_flag 
_chem_comp_bond.pdbx_stereo_config 
_chem_comp_bond.pdbx_ordinal 
A   OP3    P      sing N N 1   
A   OP3    HOP3   sing N N 2   
A   P      OP1    doub N N 3   
A   P      OP2    sing N N 4   
A   P      "O5'"  sing N N 5   
A   OP2    HOP2   sing N N 6   
A   "O5'"  "C5'"  sing N N 7   
A   "C5'"  "C4'"  sing N N 8   
A   "C5'"  "H5'"  sing N N 9   
A   "C5'"  "H5''" sing N N 10  
A   "C4'"  "O4'"  sing N N 11  
A   "C4'"  "C3'"  sing N N 12  
A   "C4'"  "H4'"  sing N N 13  
A   "O4'"  "C1'"  sing N N 14  
A   "C3'"  "O3'"  sing N N 15  
A   "C3'"  "C2'"  sing N N 16  
A   "C3'"  "H3'"  sing N N 17  
A   "O3'"  "HO3'" sing N N 18  
A   "C2'"  "O2'"  sing N N 19  
A   "C2'"  "C1'"  sing N N 20  
A   "C2'"  "H2'"  sing N N 21  
A   "O2'"  "HO2'" sing N N 22  
A   "C1'"  N9     sing N N 23  
A   "C1'"  "H1'"  sing N N 24  
A   N9     C8     sing Y N 25  
A   N9     C4     sing Y N 26  
A   C8     N7     doub Y N 27  
A   C8     H8     sing N N 28  
A   N7     C5     sing Y N 29  
A   C5     C6     sing Y N 30  
A   C5     C4     doub Y N 31  
A   C6     N6     sing N N 32  
A   C6     N1     doub Y N 33  
A   N6     H61    sing N N 34  
A   N6     H62    sing N N 35  
A   N1     C2     sing Y N 36  
A   C2     N3     doub Y N 37  
A   C2     H2     sing N N 38  
A   N3     C4     sing Y N 39  
C   OP3    P      sing N N 40  
C   OP3    HOP3   sing N N 41  
C   P      OP1    doub N N 42  
C   P      OP2    sing N N 43  
C   P      "O5'"  sing N N 44  
C   OP2    HOP2   sing N N 45  
C   "O5'"  "C5'"  sing N N 46  
C   "C5'"  "C4'"  sing N N 47  
C   "C5'"  "H5'"  sing N N 48  
C   "C5'"  "H5''" sing N N 49  
C   "C4'"  "O4'"  sing N N 50  
C   "C4'"  "C3'"  sing N N 51  
C   "C4'"  "H4'"  sing N N 52  
C   "O4'"  "C1'"  sing N N 53  
C   "C3'"  "O3'"  sing N N 54  
C   "C3'"  "C2'"  sing N N 55  
C   "C3'"  "H3'"  sing N N 56  
C   "O3'"  "HO3'" sing N N 57  
C   "C2'"  "O2'"  sing N N 58  
C   "C2'"  "C1'"  sing N N 59  
C   "C2'"  "H2'"  sing N N 60  
C   "O2'"  "HO2'" sing N N 61  
C   "C1'"  N1     sing N N 62  
C   "C1'"  "H1'"  sing N N 63  
C   N1     C2     sing N N 64  
C   N1     C6     sing N N 65  
C   C2     O2     doub N N 66  
C   C2     N3     sing N N 67  
C   N3     C4     doub N N 68  
C   C4     N4     sing N N 69  
C   C4     C5     sing N N 70  
C   N4     H41    sing N N 71  
C   N4     H42    sing N N 72  
C   C5     C6     doub N N 73  
C   C5     H5     sing N N 74  
C   C6     H6     sing N N 75  
G   OP3    P      sing N N 76  
G   OP3    HOP3   sing N N 77  
G   P      OP1    doub N N 78  
G   P      OP2    sing N N 79  
G   P      "O5'"  sing N N 80  
G   OP2    HOP2   sing N N 81  
G   "O5'"  "C5'"  sing N N 82  
G   "C5'"  "C4'"  sing N N 83  
G   "C5'"  "H5'"  sing N N 84  
G   "C5'"  "H5''" sing N N 85  
G   "C4'"  "O4'"  sing N N 86  
G   "C4'"  "C3'"  sing N N 87  
G   "C4'"  "H4'"  sing N N 88  
G   "O4'"  "C1'"  sing N N 89  
G   "C3'"  "O3'"  sing N N 90  
G   "C3'"  "C2'"  sing N N 91  
G   "C3'"  "H3'"  sing N N 92  
G   "O3'"  "HO3'" sing N N 93  
G   "C2'"  "O2'"  sing N N 94  
G   "C2'"  "C1'"  sing N N 95  
G   "C2'"  "H2'"  sing N N 96  
G   "O2'"  "HO2'" sing N N 97  
G   "C1'"  N9     sing N N 98  
G   "C1'"  "H1'"  sing N N 99  
G   N9     C8     sing Y N 100 
G   N9     C4     sing Y N 101 
G   C8     N7     doub Y N 102 
G   C8     H8     sing N N 103 
G   N7     C5     sing Y N 104 
G   C5     C6     sing N N 105 
G   C5     C4     doub Y N 106 
G   C6     O6     doub N N 107 
G   C6     N1     sing N N 108 
G   N1     C2     sing N N 109 
G   N1     H1     sing N N 110 
G   C2     N2     sing N N 111 
G   C2     N3     doub N N 112 
G   N2     H21    sing N N 113 
G   N2     H22    sing N N 114 
G   N3     C4     sing N N 115 
SO4 S      O1     doub N N 116 
SO4 S      O2     doub N N 117 
SO4 S      O3     sing N N 118 
SO4 S      O4     sing N N 119 
U   OP3    P      sing N N 120 
U   OP3    HOP3   sing N N 121 
U   P      OP1    doub N N 122 
U   P      OP2    sing N N 123 
U   P      "O5'"  sing N N 124 
U   OP2    HOP2   sing N N 125 
U   "O5'"  "C5'"  sing N N 126 
U   "C5'"  "C4'"  sing N N 127 
U   "C5'"  "H5'"  sing N N 128 
U   "C5'"  "H5''" sing N N 129 
U   "C4'"  "O4'"  sing N N 130 
U   "C4'"  "C3'"  sing N N 131 
U   "C4'"  "H4'"  sing N N 132 
U   "O4'"  "C1'"  sing N N 133 
U   "C3'"  "O3'"  sing N N 134 
U   "C3'"  "C2'"  sing N N 135 
U   "C3'"  "H3'"  sing N N 136 
U   "O3'"  "HO3'" sing N N 137 
U   "C2'"  "O2'"  sing N N 138 
U   "C2'"  "C1'"  sing N N 139 
U   "C2'"  "H2'"  sing N N 140 
U   "O2'"  "HO2'" sing N N 141 
U   "C1'"  N1     sing N N 142 
U   "C1'"  "H1'"  sing N N 143 
U   N1     C2     sing N N 144 
U   N1     C6     sing N N 145 
U   C2     O2     doub N N 146 
U   C2     N3     sing N N 147 
U   N3     C4     sing N N 148 
U   N3     H3     sing N N 149 
U   C4     O4     doub N N 150 
U   C4     C5     sing N N 151 
U   C5     C6     doub N N 152 
U   C5     H5     sing N N 153 
U   C6     H6     sing N N 154 
XUG O6     C6     doub N N 155 
XUG C6     C5     sing N N 156 
XUG C6     N1     sing N N 157 
XUG C5     N7     sing Y N 158 
XUG C5     C4     doub Y N 159 
XUG N7     C8     doub Y N 160 
XUG C8     N9     sing Y N 161 
XUG C8     H8     sing N N 162 
XUG N1     C2     sing N N 163 
XUG N1     HN1    sing N N 164 
XUG C2     N2     sing N N 165 
XUG C2     N3     doub N N 166 
XUG N2     HN21   sing N N 167 
XUG N2     HN22   sing N N 168 
XUG N3     C4     sing N N 169 
XUG C4     N9     sing Y N 170 
XUG N9     "C1'"  sing N N 171 
XUG "C1'"  "O4'"  sing N N 172 
XUG "C1'"  "C2'"  sing N N 173 
XUG "C1'"  "H1'"  sing N N 174 
XUG "O4'"  "C4'"  sing N N 175 
XUG "C2'"  "SE2'" sing N N 176 
XUG "C2'"  "C3'"  sing N N 177 
XUG "C2'"  "H2'"  sing N N 178 
XUG "SE2'" "CA'"  sing N N 179 
XUG "CA'"  "HA'1" sing N N 180 
XUG "CA'"  "HA'2" sing N N 181 
XUG "CA'"  "HA'3" sing N N 182 
XUG "C3'"  "O3'"  sing N N 183 
XUG "C3'"  "C4'"  sing N N 184 
XUG "C3'"  "H3'"  sing N N 185 
XUG "O3'"  "HO3'" sing N N 186 
XUG "C4'"  "C5'"  sing N N 187 
XUG "C4'"  "H4'"  sing N N 188 
XUG "C5'"  "O5'"  sing N N 189 
XUG "C5'"  "H5'"  sing N N 190 
XUG "C5'"  "H5''" sing N N 191 
XUG "O5'"  P      sing N N 192 
XUG P      OP1    doub N N 193 
XUG P      OP2    sing N N 194 
XUG P      OP3    sing N N 195 
XUG OP2    HOP2   sing N N 196 
XUG OP3    HOP3   sing N N 197 
# 
loop_
_ndb_struct_conf_na.entry_id 
_ndb_struct_conf_na.feature 
2H1M 'double helix'         
2H1M 'a-form double helix'  
2H1M 'mismatched base pair' 
# 
loop_
_ndb_struct_na_base_pair.model_number 
_ndb_struct_na_base_pair.i_label_asym_id 
_ndb_struct_na_base_pair.i_label_comp_id 
_ndb_struct_na_base_pair.i_label_seq_id 
_ndb_struct_na_base_pair.i_symmetry 
_ndb_struct_na_base_pair.j_label_asym_id 
_ndb_struct_na_base_pair.j_label_comp_id 
_ndb_struct_na_base_pair.j_label_seq_id 
_ndb_struct_na_base_pair.j_symmetry 
_ndb_struct_na_base_pair.shear 
_ndb_struct_na_base_pair.stretch 
_ndb_struct_na_base_pair.stagger 
_ndb_struct_na_base_pair.buckle 
_ndb_struct_na_base_pair.propeller 
_ndb_struct_na_base_pair.opening 
_ndb_struct_na_base_pair.pair_number 
_ndb_struct_na_base_pair.pair_name 
_ndb_struct_na_base_pair.i_auth_asym_id 
_ndb_struct_na_base_pair.i_auth_seq_id 
_ndb_struct_na_base_pair.i_PDB_ins_code 
_ndb_struct_na_base_pair.j_auth_asym_id 
_ndb_struct_na_base_pair.j_auth_seq_id 
_ndb_struct_na_base_pair.j_PDB_ins_code 
_ndb_struct_na_base_pair.hbond_type_28 
_ndb_struct_na_base_pair.hbond_type_12 
1 A G   1  1_555 B C   16 1_555 -0.554 -0.087 -0.216 -4.666 -3.103  -1.392 1  A_G1:C32_B    A 1  ? B 32 ? 19 1 
1 A C   2  1_555 B G   15 1_555 0.242  -0.180 0.157  -0.287 -12.569 3.644  2  A_C2:G31_B    A 2  ? B 31 ? 19 1 
1 A A   3  1_555 B U   14 1_555 0.101  0.095  0.071  -1.328 -7.605  6.622  3  A_A3:U30_B    A 3  ? B 30 ? 20 1 
1 A XUG 4  1_555 B C   13 1_555 -0.644 0.028  0.023  -0.431 -20.488 7.071  4  A_XUG4:C29_B  A 4  ? B 29 ? 19 1 
1 A A   5  1_555 B U   12 1_555 0.029  0.142  -0.215 -3.971 -13.485 0.250  5  A_A5:U28_B    A 5  ? B 28 ? 20 1 
1 A G   6  1_555 B A   11 1_555 -1.015 -3.561 -0.367 13.030 6.985   96.380 6  A_G6:A27_B    A 6  ? B 27 ? ?  ? 
1 A U   7  1_555 B A   10 1_555 -0.452 -0.173 0.290  -2.259 -19.965 1.891  7  A_U7:A26_B    A 7  ? B 26 ? 20 1 
1 A U   8  1_555 B A   9  1_555 -0.161 -0.019 0.660  -1.522 -15.573 11.850 8  A_U8:A25_B    A 8  ? B 25 ? ?  1 
1 A A   9  1_555 B U   8  1_555 -0.720 -0.049 0.615  3.686  -12.472 5.993  9  A_A9:U24_B    A 9  ? B 24 ? 20 1 
1 A A   10 1_555 B U   7  1_555 0.010  -0.065 0.162  0.623  -19.544 1.128  10 A_A10:U23_B   A 10 ? B 23 ? 20 1 
1 A U   12 1_555 B A   5  1_555 -0.002 -0.088 -0.161 2.070  -11.966 1.383  11 A_U12:A21_B   A 12 ? B 21 ? 20 1 
1 A C   13 1_555 B XUG 4  1_555 0.269  -0.187 -0.124 3.700  -18.307 -0.274 12 A_C13:XUG20_B A 13 ? B 20 ? 19 1 
1 A U   14 1_555 B A   3  1_555 0.068  0.068  0.065  3.320  -4.995  7.689  13 A_U14:A19_B   A 14 ? B 19 ? 20 1 
1 A G   15 1_555 B C   2  1_555 -0.365 -0.224 0.175  -0.301 -13.913 2.748  14 A_G15:C18_B   A 15 ? B 18 ? 19 1 
1 A C   16 1_555 B G   1  1_555 1.108  -0.190 -0.319 9.301  -5.850  -1.964 15 A_C16:G17_B   A 16 ? B 17 ? 19 1 
# 
loop_
_ndb_struct_na_base_pair_step.model_number 
_ndb_struct_na_base_pair_step.i_label_asym_id_1 
_ndb_struct_na_base_pair_step.i_label_comp_id_1 
_ndb_struct_na_base_pair_step.i_label_seq_id_1 
_ndb_struct_na_base_pair_step.i_symmetry_1 
_ndb_struct_na_base_pair_step.j_label_asym_id_1 
_ndb_struct_na_base_pair_step.j_label_comp_id_1 
_ndb_struct_na_base_pair_step.j_label_seq_id_1 
_ndb_struct_na_base_pair_step.j_symmetry_1 
_ndb_struct_na_base_pair_step.i_label_asym_id_2 
_ndb_struct_na_base_pair_step.i_label_comp_id_2 
_ndb_struct_na_base_pair_step.i_label_seq_id_2 
_ndb_struct_na_base_pair_step.i_symmetry_2 
_ndb_struct_na_base_pair_step.j_label_asym_id_2 
_ndb_struct_na_base_pair_step.j_label_comp_id_2 
_ndb_struct_na_base_pair_step.j_label_seq_id_2 
_ndb_struct_na_base_pair_step.j_symmetry_2 
_ndb_struct_na_base_pair_step.shift 
_ndb_struct_na_base_pair_step.slide 
_ndb_struct_na_base_pair_step.rise 
_ndb_struct_na_base_pair_step.tilt 
_ndb_struct_na_base_pair_step.roll 
_ndb_struct_na_base_pair_step.twist 
_ndb_struct_na_base_pair_step.x_displacement 
_ndb_struct_na_base_pair_step.y_displacement 
_ndb_struct_na_base_pair_step.helical_rise 
_ndb_struct_na_base_pair_step.inclination 
_ndb_struct_na_base_pair_step.tip 
_ndb_struct_na_base_pair_step.helical_twist 
_ndb_struct_na_base_pair_step.step_number 
_ndb_struct_na_base_pair_step.step_name 
_ndb_struct_na_base_pair_step.i_auth_asym_id_1 
_ndb_struct_na_base_pair_step.i_auth_seq_id_1 
_ndb_struct_na_base_pair_step.i_PDB_ins_code_1 
_ndb_struct_na_base_pair_step.j_auth_asym_id_1 
_ndb_struct_na_base_pair_step.j_auth_seq_id_1 
_ndb_struct_na_base_pair_step.j_PDB_ins_code_1 
_ndb_struct_na_base_pair_step.i_auth_asym_id_2 
_ndb_struct_na_base_pair_step.i_auth_seq_id_2 
_ndb_struct_na_base_pair_step.i_PDB_ins_code_2 
_ndb_struct_na_base_pair_step.j_auth_asym_id_2 
_ndb_struct_na_base_pair_step.j_auth_seq_id_2 
_ndb_struct_na_base_pair_step.j_PDB_ins_code_2 
1 A G   1  1_555 B C   16 1_555 A C   2  1_555 B G   15 1_555 -0.194 -1.535 3.204  -4.193  0.299    38.179  -2.370 -0.218 3.195  
0.456   6.386   38.401   1  AA_G1C2:G31C32_BB     A 1  ? B 32 ? A 2  ? B 31 ? 
1 A C   2  1_555 B G   15 1_555 A A   3  1_555 B U   14 1_555 -0.281 -1.516 3.041  0.879   13.549   31.922  -4.301 0.586  2.225  
23.359  -1.516  34.620   2  AA_C2A3:U30G31_BB     A 2  ? B 31 ? A 3  ? B 30 ? 
1 A A   3  1_555 B U   14 1_555 A XUG 4  1_555 B C   13 1_555 0.717  -1.678 3.119  1.984   12.540   24.472  -6.118 -1.096 2.076  
27.355  -4.328  27.525   3  AA_A3XUG4:C29U30_BB   A 3  ? B 30 ? A 4  ? B 29 ? 
1 A XUG 4  1_555 B C   13 1_555 A A   5  1_555 B U   12 1_555 -0.914 -1.140 3.283  -1.295  9.498    38.761  -2.733 1.195  2.962  
14.050  1.915   39.884   4  AA_XUG4A5:U28C29_BB   A 4  ? B 29 ? A 5  ? B 28 ? 
1 A A   5  1_555 B U   12 1_555 A G   6  1_555 B A   11 1_555 1.814  2.897  0.353  172.720 -36.448  -13.085 -1.521 0.569  -1.129 
18.542  87.867  -176.547 5  AA_A5G6:A27U28_BB     A 5  ? B 28 ? A 6  ? B 27 ? 
1 A G   6  1_555 B A   11 1_555 A U   7  1_555 B A   10 1_555 -0.760 -3.259 -1.866 131.181 -113.073 84.735  -1.916 0.050  -0.113 
-57.261 -66.431 174.969  6  AA_G6U7:A26A27_BB     A 6  ? B 27 ? A 7  ? B 26 ? 
1 A U   7  1_555 B A   10 1_555 A U   8  1_555 B A   9  1_555 0.656  -1.293 3.171  -1.909  5.839    33.451  -3.081 -1.407 2.870  
10.038  3.282   33.995   7  AA_U7U8:A25A26_BB     A 7  ? B 26 ? A 8  ? B 25 ? 
1 A U   8  1_555 B A   9  1_555 A A   9  1_555 B U   8  1_555 -0.270 -1.425 2.602  -2.042  13.111   31.219  -3.958 0.228  1.882  
23.098  3.597   33.857   8  AA_U8A9:U24A25_BB     A 8  ? B 25 ? A 9  ? B 24 ? 
1 A A   9  1_555 B U   8  1_555 A A   10 1_555 B U   7  1_555 -0.222 -1.415 3.302  3.188   4.874    35.461  -2.975 0.805  3.057  
7.936   -5.190  35.921   9  AA_A9A10:U23U24_BB    A 9  ? B 24 ? A 10 ? B 23 ? 
1 A A   10 1_555 B U   7  1_555 A U   12 1_555 B A   5  1_555 0.236  -3.438 6.224  4.105   8.598    61.074  -4.088 0.122  5.745  
8.406   -4.013  61.742   10 AA_A10U12:A21U23_BB   A 10 ? B 23 ? A 12 ? B 21 ? 
1 A U   12 1_555 B A   5  1_555 A C   13 1_555 B XUG 4  1_555 0.475  -1.245 3.101  0.933   10.620   35.909  -3.196 -0.630 2.650  
16.776  -1.473  37.408   11 AA_U12C13:XUG20A21_BB A 12 ? B 21 ? A 13 ? B 20 ? 
1 A C   13 1_555 B XUG 4  1_555 A U   14 1_555 B A   3  1_555 -0.492 -1.806 3.287  -3.086  10.749   28.264  -5.428 0.371  2.488  
21.002  6.029   30.354   12 AA_C13U14:A19XUG20_BB A 13 ? B 20 ? A 14 ? B 19 ? 
1 A U   14 1_555 B A   3  1_555 A G   15 1_555 B C   2  1_555 0.118  -1.527 3.109  0.374   11.439   29.646  -4.617 -0.157 2.373  
21.378  -0.700  31.732   13 AA_U14G15:C18A19_BB   A 14 ? B 19 ? A 15 ? B 18 ? 
1 A G   15 1_555 B C   2  1_555 A C   16 1_555 B G   1  1_555 0.384  -1.480 3.106  5.898   0.757    40.688  -2.186 0.064  3.103  
1.082   -8.428  41.102   14 AA_G15C16:G17C18_BB   A 15 ? B 18 ? A 16 ? B 17 ? 
# 
_pdbx_initial_refinement_model.accession_code   ? 
_pdbx_initial_refinement_model.id               1 
_pdbx_initial_refinement_model.entity_id_list   ? 
_pdbx_initial_refinement_model.type             'experimental model' 
_pdbx_initial_refinement_model.source_name      Other 
_pdbx_initial_refinement_model.details          'Similar RNA structure from the crystal grown in different conditions.' 
# 
_atom_sites.entry_id                    2H1M 
_atom_sites.fract_transf_matrix[1][1]   0.02076858 
_atom_sites.fract_transf_matrix[1][2]   -0.01362991 
_atom_sites.fract_transf_matrix[1][3]   0.00212302 
_atom_sites.fract_transf_matrix[2][1]   0.00929790 
_atom_sites.fract_transf_matrix[2][2]   -0.01174008 
_atom_sites.fract_transf_matrix[2][3]   -0.01993299 
_atom_sites.fract_transf_matrix[3][1]   0.00429267 
_atom_sites.fract_transf_matrix[3][2]   0.00627700 
_atom_sites.fract_transf_matrix[3][3]   -0.00169466 
_atom_sites.fract_transf_vector[1]      0.000224 
_atom_sites.fract_transf_vector[2]      0.753459 
_atom_sites.fract_transf_vector[3]      0.002048 
# 
loop_
_atom_type.symbol 
C  
N  
O  
P  
S  
SE 
# 
loop_
_atom_site.group_PDB 
_atom_site.id 
_atom_site.type_symbol 
_atom_site.label_atom_id 
_atom_site.label_alt_id 
_atom_site.label_comp_id 
_atom_site.label_asym_id 
_atom_site.label_entity_id 
_atom_site.label_seq_id 
_atom_site.pdbx_PDB_ins_code 
_atom_site.Cartn_x 
_atom_site.Cartn_y 
_atom_site.Cartn_z 
_atom_site.occupancy 
_atom_site.B_iso_or_equiv 
_atom_site.pdbx_formal_charge 
_atom_site.auth_seq_id 
_atom_site.auth_comp_id 
_atom_site.auth_asym_id 
_atom_site.auth_atom_id 
_atom_site.pdbx_PDB_model_num 
ATOM   1   O  "O5'"  . G   A 1 1  ? -3.720  -15.970 10.906  1.00 23.47 ? 1  G   A "O5'"  1 
ATOM   2   C  "C5'"  . G   A 1 1  ? -3.099  -15.791 9.633   1.00 23.17 ? 1  G   A "C5'"  1 
ATOM   3   C  "C4'"  . G   A 1 1  ? -2.569  -17.103 9.079   1.00 22.93 ? 1  G   A "C4'"  1 
ATOM   4   O  "O4'"  . G   A 1 1  ? -3.537  -18.162 9.297   1.00 23.36 ? 1  G   A "O4'"  1 
ATOM   5   C  "C3'"  . G   A 1 1  ? -2.316  -17.078 7.581   1.00 22.77 ? 1  G   A "C3'"  1 
ATOM   6   O  "O3'"  . G   A 1 1  ? -0.941  -16.874 7.327   1.00 21.92 ? 1  G   A "O3'"  1 
ATOM   7   C  "C2'"  . G   A 1 1  ? -2.757  -18.455 7.103   1.00 23.21 ? 1  G   A "C2'"  1 
ATOM   8   O  "O2'"  . G   A 1 1  ? -1.729  -19.419 7.193   1.00 23.67 ? 1  G   A "O2'"  1 
ATOM   9   C  "C1'"  . G   A 1 1  ? -3.885  -18.787 8.074   1.00 23.88 ? 1  G   A "C1'"  1 
ATOM   10  N  N9     . G   A 1 1  ? -5.202  -18.310 7.643   1.00 24.01 ? 1  G   A N9     1 
ATOM   11  C  C8     . G   A 1 1  ? -6.033  -17.466 8.339   1.00 24.15 ? 1  G   A C8     1 
ATOM   12  N  N7     . G   A 1 1  ? -7.149  -17.198 7.724   1.00 24.09 ? 1  G   A N7     1 
ATOM   13  C  C5     . G   A 1 1  ? -7.061  -17.909 6.540   1.00 24.07 ? 1  G   A C5     1 
ATOM   14  C  C6     . G   A 1 1  ? -7.983  -18.002 5.470   1.00 24.31 ? 1  G   A C6     1 
ATOM   15  O  O6     . G   A 1 1  ? -9.089  -17.451 5.367   1.00 24.38 ? 1  G   A O6     1 
ATOM   16  N  N1     . G   A 1 1  ? -7.523  -18.830 4.442   1.00 24.31 ? 1  G   A N1     1 
ATOM   17  C  C2     . G   A 1 1  ? -6.313  -19.487 4.457   1.00 24.26 ? 1  G   A C2     1 
ATOM   18  N  N2     . G   A 1 1  ? -6.035  -20.242 3.381   1.00 24.20 ? 1  G   A N2     1 
ATOM   19  N  N3     . G   A 1 1  ? -5.440  -19.406 5.460   1.00 24.36 ? 1  G   A N3     1 
ATOM   20  C  C4     . G   A 1 1  ? -5.872  -18.604 6.470   1.00 24.08 ? 1  G   A C4     1 
ATOM   21  P  P      . C   A 1 2  ? -0.504  -15.882 6.158   1.00 21.66 ? 2  C   A P      1 
ATOM   22  O  OP1    . C   A 1 2  ? 0.962   -15.701 6.248   1.00 21.69 ? 2  C   A OP1    1 
ATOM   23  O  OP2    . C   A 1 2  ? -1.396  -14.701 6.208   1.00 22.04 ? 2  C   A OP2    1 
ATOM   24  O  "O5'"  . C   A 1 2  ? -0.879  -16.681 4.827   1.00 21.59 ? 2  C   A "O5'"  1 
ATOM   25  C  "C5'"  . C   A 1 2  ? -0.178  -17.848 4.431   1.00 22.01 ? 2  C   A "C5'"  1 
ATOM   26  C  "C4'"  . C   A 1 2  ? -0.807  -18.431 3.179   1.00 22.66 ? 2  C   A "C4'"  1 
ATOM   27  O  "O4'"  . C   A 1 2  ? -2.143  -18.912 3.472   1.00 22.65 ? 2  C   A "O4'"  1 
ATOM   28  C  "C3'"  . C   A 1 2  ? -1.023  -17.442 2.045   1.00 22.97 ? 2  C   A "C3'"  1 
ATOM   29  O  "O3'"  . C   A 1 2  ? 0.150   -17.312 1.286   1.00 24.30 ? 2  C   A "O3'"  1 
ATOM   30  C  "C2'"  . C   A 1 2  ? -2.129  -18.114 1.250   1.00 22.66 ? 2  C   A "C2'"  1 
ATOM   31  O  "O2'"  . C   A 1 2  ? -1.667  -19.196 0.464   1.00 22.99 ? 2  C   A "O2'"  1 
ATOM   32  C  "C1'"  . C   A 1 2  ? -3.007  -18.620 2.385   1.00 22.34 ? 2  C   A "C1'"  1 
ATOM   33  N  N1     . C   A 1 2  ? -4.067  -17.640 2.809   1.00 22.08 ? 2  C   A N1     1 
ATOM   34  C  C2     . C   A 1 2  ? -5.203  -17.439 2.008   1.00 22.08 ? 2  C   A C2     1 
ATOM   35  O  O2     . C   A 1 2  ? -5.335  -18.071 0.953   1.00 22.18 ? 2  C   A O2     1 
ATOM   36  N  N3     . C   A 1 2  ? -6.145  -16.552 2.419   1.00 22.04 ? 2  C   A N3     1 
ATOM   37  C  C4     . C   A 1 2  ? -5.990  -15.882 3.562   1.00 21.98 ? 2  C   A C4     1 
ATOM   38  N  N4     . C   A 1 2  ? -6.943  -15.020 3.920   1.00 22.23 ? 2  C   A N4     1 
ATOM   39  C  C5     . C   A 1 2  ? -4.847  -16.064 4.391   1.00 22.02 ? 2  C   A C5     1 
ATOM   40  C  C6     . C   A 1 2  ? -3.927  -16.941 3.978   1.00 22.05 ? 2  C   A C6     1 
ATOM   41  P  P      . A   A 1 3  ? 0.506   -15.896 0.641   1.00 25.56 ? 3  A   A P      1 
ATOM   42  O  OP1    . A   A 1 3  ? 1.878   -16.016 0.098   1.00 25.76 ? 3  A   A OP1    1 
ATOM   43  O  OP2    . A   A 1 3  ? 0.189   -14.810 1.600   1.00 25.28 ? 3  A   A OP2    1 
ATOM   44  O  "O5'"  . A   A 1 3  ? -0.547  -15.796 -0.556  1.00 25.89 ? 3  A   A "O5'"  1 
ATOM   45  C  "C5'"  . A   A 1 3  ? -0.406  -16.623 -1.699  1.00 26.78 ? 3  A   A "C5'"  1 
ATOM   46  C  "C4'"  . A   A 1 3  ? -1.435  -16.244 -2.741  1.00 27.45 ? 3  A   A "C4'"  1 
ATOM   47  O  "O4'"  . A   A 1 3  ? -2.746  -16.677 -2.302  1.00 27.47 ? 3  A   A "O4'"  1 
ATOM   48  C  "C3'"  . A   A 1 3  ? -1.602  -14.752 -2.967  1.00 27.89 ? 3  A   A "C3'"  1 
ATOM   49  O  "O3'"  . A   A 1 3  ? -0.599  -14.258 -3.830  1.00 28.91 ? 3  A   A "O3'"  1 
ATOM   50  C  "C2'"  . A   A 1 3  ? -2.994  -14.712 -3.583  1.00 27.77 ? 3  A   A "C2'"  1 
ATOM   51  O  "O2'"  . A   A 1 3  ? -3.002  -15.126 -4.935  1.00 27.84 ? 3  A   A "O2'"  1 
ATOM   52  C  "C1'"  . A   A 1 3  ? -3.715  -15.720 -2.689  1.00 27.52 ? 3  A   A "C1'"  1 
ATOM   53  N  N9     . A   A 1 3  ? -4.293  -15.102 -1.494  1.00 27.43 ? 3  A   A N9     1 
ATOM   54  C  C8     . A   A 1 3  ? -3.723  -14.987 -0.254  1.00 27.45 ? 3  A   A C8     1 
ATOM   55  N  N7     . A   A 1 3  ? -4.474  -14.374 0.628   1.00 27.38 ? 3  A   A N7     1 
ATOM   56  C  C5     . A   A 1 3  ? -5.618  -14.063 -0.081  1.00 27.17 ? 3  A   A C5     1 
ATOM   57  C  C6     . A   A 1 3  ? -6.810  -13.405 0.283   1.00 27.21 ? 3  A   A C6     1 
ATOM   58  N  N6     . A   A 1 3  ? -7.037  -12.930 1.509   1.00 27.26 ? 3  A   A N6     1 
ATOM   59  N  N1     . A   A 1 3  ? -7.764  -13.253 -0.662  1.00 27.52 ? 3  A   A N1     1 
ATOM   60  C  C2     . A   A 1 3  ? -7.537  -13.732 -1.894  1.00 27.41 ? 3  A   A C2     1 
ATOM   61  N  N3     . A   A 1 3  ? -6.455  -14.368 -2.351  1.00 27.36 ? 3  A   A N3     1 
ATOM   62  C  C4     . A   A 1 3  ? -5.525  -14.502 -1.389  1.00 27.30 ? 3  A   A C4     1 
HETATM 63  O  O6     . XUG A 1 4  ? -6.747  -9.772  1.259   1.00 33.09 ? 4  XUG A O6     1 
HETATM 64  C  C6     . XUG A 1 4  ? -6.992  -9.872  0.038   1.00 33.10 ? 4  XUG A C6     1 
HETATM 65  C  C5     . XUG A 1 4  ? -6.034  -10.370 -0.841  1.00 33.06 ? 4  XUG A C5     1 
HETATM 66  N  N7     . XUG A 1 4  ? -4.773  -10.823 -0.692  1.00 33.17 ? 4  XUG A N7     1 
HETATM 67  C  C8     . XUG A 1 4  ? -4.321  -11.185 -1.915  1.00 33.12 ? 4  XUG A C8     1 
HETATM 68  N  N1     . XUG A 1 4  ? -8.198  -9.490  -0.441  1.00 33.06 ? 4  XUG A N1     1 
HETATM 69  C  C2     . XUG A 1 4  ? -8.477  -9.590  -1.761  1.00 33.02 ? 4  XUG A C2     1 
HETATM 70  N  N2     . XUG A 1 4  ? -9.682  -9.209  -2.239  1.00 33.15 ? 4  XUG A N2     1 
HETATM 71  N  N3     . XUG A 1 4  ? -7.561  -10.073 -2.626  1.00 32.92 ? 4  XUG A N3     1 
HETATM 72  C  C4     . XUG A 1 4  ? -6.343  -10.464 -2.187  1.00 32.91 ? 4  XUG A C4     1 
HETATM 73  N  N9     . XUG A 1 4  ? -5.284  -10.965 -2.820  1.00 33.01 ? 4  XUG A N9     1 
HETATM 74  C  "C1'"  . XUG A 1 4  ? -5.205  -11.220 -4.279  1.00 33.14 ? 4  XUG A "C1'"  1 
HETATM 75  O  "O4'"  . XUG A 1 4  ? -3.960  -11.847 -4.602  1.00 32.40 ? 4  XUG A "O4'"  1 
HETATM 76  C  "C2'"  . XUG A 1 4  ? -5.237  -9.890  -5.006  1.00 33.96 ? 4  XUG A "C2'"  1 
HETATM 77  SE "SE2'" . XUG A 1 4  ? -6.180  -10.111 -6.714  1.00 38.50 ? 4  XUG A "SE2'" 1 
HETATM 78  C  "CA'"  . XUG A 1 4  ? -8.030  -9.947  -6.054  1.00 37.56 ? 4  XUG A "CA'"  1 
HETATM 79  C  "C3'"  . XUG A 1 4  ? -3.780  -9.612  -5.269  1.00 32.48 ? 4  XUG A "C3'"  1 
HETATM 80  O  "O3'"  . XUG A 1 4  ? -3.521  -8.828  -6.430  1.00 30.55 ? 4  XUG A "O3'"  1 
HETATM 81  C  "C4'"  . XUG A 1 4  ? -3.167  -10.978 -5.411  1.00 32.04 ? 4  XUG A "C4'"  1 
HETATM 82  C  "C5'"  . XUG A 1 4  ? -1.743  -10.900 -4.916  1.00 31.41 ? 4  XUG A "C5'"  1 
HETATM 83  O  "O5'"  . XUG A 1 4  ? -1.207  -12.200 -5.005  1.00 30.24 ? 4  XUG A "O5'"  1 
HETATM 84  P  P      . XUG A 1 4  ? -0.273  -12.692 -3.813  1.00 29.77 ? 4  XUG A P      1 
HETATM 85  O  OP1    . XUG A 1 4  ? 1.151   -12.473 -4.261  1.00 29.84 ? 4  XUG A OP1    1 
HETATM 86  O  OP2    . XUG A 1 4  ? -0.773  -12.066 -2.530  1.00 29.56 ? 4  XUG A OP2    1 
ATOM   87  P  P      . A   A 1 5  ? -2.860  -7.393  -6.207  1.00 29.74 ? 5  A   A P      1 
ATOM   88  O  OP1    . A   A 1 5  ? -2.076  -7.035  -7.409  1.00 30.03 ? 5  A   A OP1    1 
ATOM   89  O  OP2    . A   A 1 5  ? -2.206  -7.343  -4.881  1.00 29.78 ? 5  A   A OP2    1 
ATOM   90  O  "O5'"  . A   A 1 5  ? -4.167  -6.487  -6.135  1.00 29.24 ? 5  A   A "O5'"  1 
ATOM   91  C  "C5'"  . A   A 1 5  ? -5.124  -6.553  -7.180  1.00 27.83 ? 5  A   A "C5'"  1 
ATOM   92  C  "C4'"  . A   A 1 5  ? -6.371  -5.808  -6.770  1.00 26.94 ? 5  A   A "C4'"  1 
ATOM   93  O  "O4'"  . A   A 1 5  ? -7.128  -6.622  -5.846  1.00 26.53 ? 5  A   A "O4'"  1 
ATOM   94  C  "C3'"  . A   A 1 5  ? -6.104  -4.541  -5.982  1.00 26.61 ? 5  A   A "C3'"  1 
ATOM   95  O  "O3'"  . A   A 1 5  ? -5.777  -3.482  -6.847  1.00 26.88 ? 5  A   A "O3'"  1 
ATOM   96  C  "C2'"  . A   A 1 5  ? -7.437  -4.354  -5.275  1.00 26.41 ? 5  A   A "C2'"  1 
ATOM   97  O  "O2'"  . A   A 1 5  ? -8.456  -3.897  -6.140  1.00 26.55 ? 5  A   A "O2'"  1 
ATOM   98  C  "C1'"  . A   A 1 5  ? -7.705  -5.793  -4.857  1.00 26.33 ? 5  A   A "C1'"  1 
ATOM   99  N  N9     . A   A 1 5  ? -7.123  -6.143  -3.564  1.00 26.32 ? 5  A   A N9     1 
ATOM   100 C  C8     . A   A 1 5  ? -5.927  -6.768  -3.337  1.00 26.36 ? 5  A   A C8     1 
ATOM   101 N  N7     . A   A 1 5  ? -5.658  -6.958  -2.067  1.00 26.47 ? 5  A   A N7     1 
ATOM   102 C  C5     . A   A 1 5  ? -6.755  -6.424  -1.414  1.00 26.25 ? 5  A   A C5     1 
ATOM   103 C  C6     . A   A 1 5  ? -7.085  -6.313  -0.047  1.00 26.23 ? 5  A   A C6     1 
ATOM   104 N  N6     . A   A 1 5  ? -6.295  -6.761  0.935   1.00 26.21 ? 5  A   A N6     1 
ATOM   105 N  N1     . A   A 1 5  ? -8.260  -5.724  0.270   1.00 26.28 ? 5  A   A N1     1 
ATOM   106 C  C2     . A   A 1 5  ? -9.049  -5.274  -0.717  1.00 26.26 ? 5  A   A C2     1 
ATOM   107 N  N3     . A   A 1 5  ? -8.844  -5.323  -2.034  1.00 26.22 ? 5  A   A N3     1 
ATOM   108 C  C4     . A   A 1 5  ? -7.669  -5.916  -2.320  1.00 26.26 ? 5  A   A C4     1 
ATOM   109 P  P      . G   A 1 6  ? -4.957  -2.244  -6.268  1.00 27.12 ? 6  G   A P      1 
ATOM   110 O  OP1    . G   A 1 6  ? -4.256  -1.615  -7.405  1.00 27.23 ? 6  G   A OP1    1 
ATOM   111 O  OP2    . G   A 1 6  ? -4.171  -2.690  -5.093  1.00 27.43 ? 6  G   A OP2    1 
ATOM   112 O  "O5'"  . G   A 1 6  ? -6.135  -1.286  -5.765  1.00 28.36 ? 6  G   A "O5'"  1 
ATOM   113 C  "C5'"  . G   A 1 6  ? -6.182  -0.861  -4.416  1.00 30.77 ? 6  G   A "C5'"  1 
ATOM   114 C  "C4'"  . G   A 1 6  ? -7.602  -0.564  -3.989  1.00 32.57 ? 6  G   A "C4'"  1 
ATOM   115 O  "O4'"  . G   A 1 6  ? -8.188  -1.710  -3.322  1.00 33.33 ? 6  G   A "O4'"  1 
ATOM   116 C  "C3'"  . G   A 1 6  ? -7.698  0.516   -2.933  1.00 33.69 ? 6  G   A "C3'"  1 
ATOM   117 O  "O3'"  . G   A 1 6  ? -7.608  1.792   -3.529  1.00 35.06 ? 6  G   A "O3'"  1 
ATOM   118 C  "C2'"  . G   A 1 6  ? -9.076  0.239   -2.346  1.00 33.89 ? 6  G   A "C2'"  1 
ATOM   119 O  "O2'"  . G   A 1 6  ? -10.142 0.634   -3.191  1.00 34.12 ? 6  G   A "O2'"  1 
ATOM   120 C  "C1'"  . G   A 1 6  ? -9.008  -1.279  -2.242  1.00 33.93 ? 6  G   A "C1'"  1 
ATOM   121 N  N9     . G   A 1 6  ? -8.454  -1.725  -0.958  1.00 34.08 ? 6  G   A N9     1 
ATOM   122 C  C8     . G   A 1 6  ? -9.035  -1.567  0.286   1.00 34.12 ? 6  G   A C8     1 
ATOM   123 N  N7     . G   A 1 6  ? -8.325  -2.052  1.267   1.00 33.85 ? 6  G   A N7     1 
ATOM   124 C  C5     . G   A 1 6  ? -7.199  -2.568  0.633   1.00 33.93 ? 6  G   A C5     1 
ATOM   125 C  C6     . G   A 1 6  ? -6.064  -3.223  1.173   1.00 34.00 ? 6  G   A C6     1 
ATOM   126 O  O6     . G   A 1 6  ? -5.827  -3.485  2.356   1.00 34.07 ? 6  G   A O6     1 
ATOM   127 N  N1     . G   A 1 6  ? -5.135  -3.593  0.197   1.00 34.17 ? 6  G   A N1     1 
ATOM   128 C  C2     . G   A 1 6  ? -5.284  -3.356  -1.152  1.00 34.17 ? 6  G   A C2     1 
ATOM   129 N  N2     . G   A 1 6  ? -4.289  -3.783  -1.949  1.00 34.09 ? 6  G   A N2     1 
ATOM   130 N  N3     . G   A 1 6  ? -6.344  -2.741  -1.671  1.00 33.92 ? 6  G   A N3     1 
ATOM   131 C  C4     . G   A 1 6  ? -7.257  -2.372  -0.732  1.00 33.89 ? 6  G   A C4     1 
ATOM   132 P  P      . U   A 1 7  ? -6.617  2.878   -2.900  1.00 36.16 ? 7  U   A P      1 
ATOM   133 O  OP1    . U   A 1 7  ? -6.781  4.115   -3.695  1.00 35.97 ? 7  U   A OP1    1 
ATOM   134 O  OP2    . U   A 1 7  ? -5.276  2.260   -2.782  1.00 35.96 ? 7  U   A OP2    1 
ATOM   135 O  "O5'"  . U   A 1 7  ? -7.191  3.103   -1.415  1.00 36.92 ? 7  U   A "O5'"  1 
ATOM   136 C  "C5'"  . U   A 1 7  ? -8.488  3.669   -1.198  1.00 38.36 ? 7  U   A "C5'"  1 
ATOM   137 C  "C4'"  . U   A 1 7  ? -8.942  3.522   0.247   1.00 39.64 ? 7  U   A "C4'"  1 
ATOM   138 O  "O4'"  . U   A 1 7  ? -8.979  2.127   0.651   1.00 39.72 ? 7  U   A "O4'"  1 
ATOM   139 C  "C3'"  . U   A 1 7  ? -8.026  4.158   1.283   1.00 40.35 ? 7  U   A "C3'"  1 
ATOM   140 O  "O3'"  . U   A 1 7  ? -8.212  5.558   1.348   1.00 41.70 ? 7  U   A "O3'"  1 
ATOM   141 C  "C2'"  . U   A 1 7  ? -8.460  3.442   2.553   1.00 40.11 ? 7  U   A "C2'"  1 
ATOM   142 O  "O2'"  . U   A 1 7  ? -9.698  3.899   3.071   1.00 39.85 ? 7  U   A "O2'"  1 
ATOM   143 C  "C1'"  . U   A 1 7  ? -8.569  2.017   2.007   1.00 39.95 ? 7  U   A "C1'"  1 
ATOM   144 N  N1     . U   A 1 7  ? -7.276  1.228   2.112   1.00 39.99 ? 7  U   A N1     1 
ATOM   145 C  C2     . U   A 1 7  ? -6.808  0.833   3.360   1.00 40.10 ? 7  U   A C2     1 
ATOM   146 O  O2     . U   A 1 7  ? -7.372  1.079   4.413   1.00 40.21 ? 7  U   A O2     1 
ATOM   147 N  N3     . U   A 1 7  ? -5.629  0.123   3.348   1.00 39.97 ? 7  U   A N3     1 
ATOM   148 C  C4     . U   A 1 7  ? -4.875  -0.232  2.244   1.00 39.96 ? 7  U   A C4     1 
ATOM   149 O  O4     . U   A 1 7  ? -3.840  -0.871  2.401   1.00 39.93 ? 7  U   A O4     1 
ATOM   150 C  C5     . U   A 1 7  ? -5.413  0.213   0.980   1.00 40.10 ? 7  U   A C5     1 
ATOM   151 C  C6     . U   A 1 7  ? -6.564  0.904   0.965   1.00 40.09 ? 7  U   A C6     1 
ATOM   152 P  P      . U   A 1 8  ? -6.921  6.507   1.320   1.00 42.81 ? 8  U   A P      1 
ATOM   153 O  OP1    . U   A 1 8  ? -7.380  7.872   0.984   1.00 42.77 ? 8  U   A OP1    1 
ATOM   154 O  OP2    . U   A 1 8  ? -5.861  5.871   0.502   1.00 42.76 ? 8  U   A OP2    1 
ATOM   155 O  "O5'"  . U   A 1 8  ? -6.431  6.465   2.842   1.00 43.35 ? 8  U   A "O5'"  1 
ATOM   156 C  "C5'"  . U   A 1 8  ? -7.315  6.827   3.895   1.00 44.19 ? 8  U   A "C5'"  1 
ATOM   157 C  "C4'"  . U   A 1 8  ? -6.787  6.294   5.208   1.00 44.76 ? 8  U   A "C4'"  1 
ATOM   158 O  "O4'"  . U   A 1 8  ? -6.727  4.847   5.155   1.00 44.60 ? 8  U   A "O4'"  1 
ATOM   159 C  "C3'"  . U   A 1 8  ? -5.351  6.679   5.520   1.00 45.16 ? 8  U   A "C3'"  1 
ATOM   160 O  "O3'"  . U   A 1 8  ? -5.250  8.009   5.990   1.00 46.08 ? 8  U   A "O3'"  1 
ATOM   161 C  "C2'"  . U   A 1 8  ? -5.003  5.641   6.577   1.00 45.00 ? 8  U   A "C2'"  1 
ATOM   162 O  "O2'"  . U   A 1 8  ? -5.587  5.902   7.842   1.00 44.92 ? 8  U   A "O2'"  1 
ATOM   163 C  "C1'"  . U   A 1 8  ? -5.619  4.403   5.923   1.00 44.74 ? 8  U   A "C1'"  1 
ATOM   164 N  N1     . U   A 1 8  ? -4.645  3.647   5.054   1.00 44.68 ? 8  U   A N1     1 
ATOM   165 C  C2     . U   A 1 8  ? -3.677  2.853   5.654   1.00 44.67 ? 8  U   A C2     1 
ATOM   166 O  O2     . U   A 1 8  ? -3.551  2.722   6.860   1.00 44.76 ? 8  U   A O2     1 
ATOM   167 N  N3     . U   A 1 8  ? -2.833  2.206   4.786   1.00 44.54 ? 8  U   A N3     1 
ATOM   168 C  C4     . U   A 1 8  ? -2.858  2.265   3.407   1.00 44.61 ? 8  U   A C4     1 
ATOM   169 O  O4     . U   A 1 8  ? -2.033  1.624   2.768   1.00 44.78 ? 8  U   A O4     1 
ATOM   170 C  C5     . U   A 1 8  ? -3.888  3.105   2.847   1.00 44.65 ? 8  U   A C5     1 
ATOM   171 C  C6     . U   A 1 8  ? -4.723  3.748   3.674   1.00 44.61 ? 8  U   A C6     1 
ATOM   172 P  P      . A   A 1 9  ? -3.986  8.887   5.547   1.00 46.94 ? 9  A   A P      1 
ATOM   173 O  OP1    . A   A 1 9  ? -4.312  10.300  5.832   1.00 47.12 ? 9  A   A OP1    1 
ATOM   174 O  OP2    . A   A 1 9  ? -3.581  8.500   4.175   1.00 46.78 ? 9  A   A OP2    1 
ATOM   175 O  "O5'"  . A   A 1 9  ? -2.842  8.392   6.551   1.00 47.26 ? 9  A   A "O5'"  1 
ATOM   176 C  "C5'"  . A   A 1 9  ? -2.933  8.695   7.940   1.00 47.78 ? 9  A   A "C5'"  1 
ATOM   177 C  "C4'"  . A   A 1 9  ? -1.969  7.849   8.746   1.00 48.16 ? 9  A   A "C4'"  1 
ATOM   178 O  "O4'"  . A   A 1 9  ? -2.237  6.446   8.509   1.00 48.27 ? 9  A   A "O4'"  1 
ATOM   179 C  "C3'"  . A   A 1 9  ? -0.502  7.997   8.378   1.00 48.38 ? 9  A   A "C3'"  1 
ATOM   180 O  "O3'"  . A   A 1 9  ? 0.058   9.138   8.994   1.00 48.89 ? 9  A   A "O3'"  1 
ATOM   181 C  "C2'"  . A   A 1 9  ? 0.072   6.714   8.959   1.00 48.41 ? 9  A   A "C2'"  1 
ATOM   182 O  "O2'"  . A   A 1 9  ? 0.247   6.770   10.364  1.00 48.67 ? 9  A   A "O2'"  1 
ATOM   183 C  "C1'"  . A   A 1 9  ? -1.022  5.721   8.582   1.00 48.23 ? 9  A   A "C1'"  1 
ATOM   184 N  N9     . A   A 1 9  ? -0.767  5.053   7.305   1.00 48.11 ? 9  A   A N9     1 
ATOM   185 C  C8     . A   A 1 9  ? -1.379  5.287   6.103   1.00 48.08 ? 9  A   A C8     1 
ATOM   186 N  N7     . A   A 1 9  ? -0.940  4.529   5.126   1.00 48.02 ? 9  A   A N7     1 
ATOM   187 C  C5     . A   A 1 9  ? 0.031   3.746   5.727   1.00 48.05 ? 9  A   A C5     1 
ATOM   188 C  C6     . A   A 1 9  ? 0.882   2.731   5.235   1.00 48.13 ? 9  A   A C6     1 
ATOM   189 N  N6     . A   A 1 9  ? 0.880   2.323   3.964   1.00 48.15 ? 9  A   A N6     1 
ATOM   190 N  N1     . A   A 1 9  ? 1.741   2.146   6.103   1.00 48.12 ? 9  A   A N1     1 
ATOM   191 C  C2     . A   A 1 9  ? 1.745   2.552   7.381   1.00 48.10 ? 9  A   A C2     1 
ATOM   192 N  N3     . A   A 1 9  ? 0.993   3.492   7.956   1.00 48.09 ? 9  A   A N3     1 
ATOM   193 C  C4     . A   A 1 9  ? 0.151   4.056   7.069   1.00 48.04 ? 9  A   A C4     1 
ATOM   194 P  P      . A   A 1 10 ? 1.227   9.940   8.254   1.00 49.41 ? 10 A   A P      1 
ATOM   195 O  OP1    . A   A 1 10 ? 1.415   11.210  8.992   1.00 49.53 ? 10 A   A OP1    1 
ATOM   196 O  OP2    . A   A 1 10 ? 0.923   9.983   6.805   1.00 49.26 ? 10 A   A OP2    1 
ATOM   197 O  "O5'"  . A   A 1 10 ? 2.510   9.000   8.462   1.00 49.26 ? 10 A   A "O5'"  1 
ATOM   198 C  "C5'"  . A   A 1 10 ? 3.109   8.861   9.749   1.00 49.24 ? 10 A   A "C5'"  1 
ATOM   199 C  "C4'"  . A   A 1 10 ? 4.036   7.660   9.798   1.00 49.32 ? 10 A   A "C4'"  1 
ATOM   200 O  "O4'"  . A   A 1 10 ? 3.355   6.498   9.267   1.00 49.28 ? 10 A   A "O4'"  1 
ATOM   201 C  "C3'"  . A   A 1 10 ? 5.296   7.765   8.951   1.00 49.49 ? 10 A   A "C3'"  1 
ATOM   202 O  "O3'"  . A   A 1 10 ? 6.314   8.488   9.634   1.00 49.89 ? 10 A   A "O3'"  1 
ATOM   203 C  "C2'"  . A   A 1 10 ? 5.664   6.298   8.739   1.00 49.35 ? 10 A   A "C2'"  1 
ATOM   204 O  "O2'"  . A   A 1 10 ? 6.384   5.713   9.810   1.00 49.41 ? 10 A   A "O2'"  1 
ATOM   205 C  "C1'"  . A   A 1 10 ? 4.286   5.658   8.605   1.00 49.03 ? 10 A   A "C1'"  1 
ATOM   206 N  N9     . A   A 1 10 ? 3.879   5.473   7.213   1.00 48.86 ? 10 A   A N9     1 
ATOM   207 C  C8     . A   A 1 10 ? 2.982   6.217   6.495   1.00 48.78 ? 10 A   A C8     1 
ATOM   208 N  N7     . A   A 1 10 ? 2.820   5.809   5.259   1.00 48.66 ? 10 A   A N7     1 
ATOM   209 C  C5     . A   A 1 10 ? 3.673   4.723   5.157   1.00 48.71 ? 10 A   A C5     1 
ATOM   210 C  C6     . A   A 1 10 ? 3.971   3.837   4.100   1.00 48.78 ? 10 A   A C6     1 
ATOM   211 N  N6     . A   A 1 10 ? 3.415   3.927   2.889   1.00 48.85 ? 10 A   A N6     1 
ATOM   212 N  N1     . A   A 1 10 ? 4.872   2.856   4.328   1.00 48.83 ? 10 A   A N1     1 
ATOM   213 C  C2     . A   A 1 10 ? 5.438   2.763   5.540   1.00 48.81 ? 10 A   A C2     1 
ATOM   214 N  N3     . A   A 1 10 ? 5.234   3.533   6.612   1.00 48.80 ? 10 A   A N3     1 
ATOM   215 C  C4     . A   A 1 10 ? 4.335   4.502   6.352   1.00 48.79 ? 10 A   A C4     1 
ATOM   216 P  P      . A   A 1 11 ? 7.217   9.551   8.841   1.00 50.26 ? 11 A   A P      1 
ATOM   217 O  OP1    . A   A 1 11 ? 7.919   10.378  9.850   1.00 50.15 ? 11 A   A OP1    1 
ATOM   218 O  OP2    . A   A 1 11 ? 6.360   10.214  7.831   1.00 50.00 ? 11 A   A OP2    1 
ATOM   219 O  "O5'"  . A   A 1 11 ? 8.274   8.624   8.059   1.00 50.13 ? 11 A   A "O5'"  1 
ATOM   220 C  "C5'"  . A   A 1 11 ? 9.529   8.229   8.640   1.00 49.64 ? 11 A   A "C5'"  1 
ATOM   221 C  "C4'"  . A   A 1 11 ? 10.108  6.980   7.985   1.00 49.00 ? 11 A   A "C4'"  1 
ATOM   222 O  "O4'"  . A   A 1 11 ? 9.064   5.981   7.829   1.00 49.12 ? 11 A   A "O4'"  1 
ATOM   223 C  "C3'"  . A   A 1 11 ? 10.660  7.149   6.572   1.00 48.32 ? 11 A   A "C3'"  1 
ATOM   224 O  "O3'"  . A   A 1 11 ? 11.997  7.631   6.546   1.00 46.80 ? 11 A   A "O3'"  1 
ATOM   225 C  "C2'"  . A   A 1 11 ? 10.554  5.726   6.033   1.00 48.73 ? 11 A   A "C2'"  1 
ATOM   226 O  "O2'"  . A   A 1 11 ? 11.529  4.841   6.555   1.00 48.82 ? 11 A   A "O2'"  1 
ATOM   227 C  "C1'"  . A   A 1 11 ? 9.168   5.373   6.551   1.00 49.18 ? 11 A   A "C1'"  1 
ATOM   228 N  N9     . A   A 1 11 ? 8.116   5.871   5.663   1.00 49.31 ? 11 A   A N9     1 
ATOM   229 C  C8     . A   A 1 11 ? 7.332   6.981   5.828   1.00 49.37 ? 11 A   A C8     1 
ATOM   230 N  N7     . A   A 1 11 ? 6.470   7.187   4.865   1.00 49.38 ? 11 A   A N7     1 
ATOM   231 C  C5     . A   A 1 11 ? 6.709   6.138   3.999   1.00 49.32 ? 11 A   A C5     1 
ATOM   232 C  C6     . A   A 1 11 ? 6.123   5.784   2.771   1.00 49.36 ? 11 A   A C6     1 
ATOM   233 N  N6     . A   A 1 11 ? 5.136   6.490   2.208   1.00 49.37 ? 11 A   A N6     1 
ATOM   234 N  N1     . A   A 1 11 ? 6.590   4.673   2.157   1.00 49.36 ? 11 A   A N1     1 
ATOM   235 C  C2     . A   A 1 11 ? 7.579   3.968   2.727   1.00 49.38 ? 11 A   A C2     1 
ATOM   236 N  N3     . A   A 1 11 ? 8.208   4.208   3.880   1.00 49.35 ? 11 A   A N3     1 
ATOM   237 C  C4     . A   A 1 11 ? 7.722   5.317   4.470   1.00 49.32 ? 11 A   A C4     1 
ATOM   238 P  P      . U   A 1 12 ? 12.472  8.527   5.303   1.00 45.67 ? 12 U   A P      1 
ATOM   239 O  OP1    . U   A 1 12 ? 13.764  9.142   5.680   1.00 45.45 ? 12 U   A OP1    1 
ATOM   240 O  OP2    . U   A 1 12 ? 11.338  9.378   4.878   1.00 45.60 ? 12 U   A OP2    1 
ATOM   241 O  "O5'"  . U   A 1 12 ? 12.705  7.470   4.124   1.00 44.45 ? 12 U   A "O5'"  1 
ATOM   242 C  "C5'"  . U   A 1 12 ? 13.701  6.461   4.236   1.00 42.56 ? 12 U   A "C5'"  1 
ATOM   243 C  "C4'"  . U   A 1 12 ? 13.649  5.525   3.046   1.00 41.04 ? 12 U   A "C4'"  1 
ATOM   244 O  "O4'"  . U   A 1 12 ? 12.342  4.910   2.936   1.00 40.94 ? 12 U   A "O4'"  1 
ATOM   245 C  "C3'"  . U   A 1 12 ? 13.796  6.189   1.690   1.00 39.89 ? 12 U   A "C3'"  1 
ATOM   246 O  "O3'"  . U   A 1 12 ? 15.127  6.556   1.427   1.00 38.19 ? 12 U   A "O3'"  1 
ATOM   247 C  "C2'"  . U   A 1 12 ? 13.311  5.066   0.785   1.00 40.33 ? 12 U   A "C2'"  1 
ATOM   248 O  "O2'"  . U   A 1 12 ? 14.237  4.007   0.627   1.00 40.46 ? 12 U   A "O2'"  1 
ATOM   249 C  "C1'"  . U   A 1 12 ? 12.085  4.610   1.572   1.00 40.72 ? 12 U   A "C1'"  1 
ATOM   250 N  N1     . U   A 1 12 ? 10.833  5.294   1.090   1.00 40.92 ? 12 U   A N1     1 
ATOM   251 C  C2     . U   A 1 12 ? 10.210  4.837   -0.066  1.00 41.04 ? 12 U   A C2     1 
ATOM   252 O  O2     . U   A 1 12 ? 10.605  3.892   -0.732  1.00 41.16 ? 12 U   A O2     1 
ATOM   253 N  N3     . U   A 1 12 ? 9.080   5.534   -0.425  1.00 40.93 ? 12 U   A N3     1 
ATOM   254 C  C4     . U   A 1 12 ? 8.520   6.616   0.232   1.00 40.79 ? 12 U   A C4     1 
ATOM   255 O  O4     . U   A 1 12 ? 7.504   7.132   -0.215  1.00 40.89 ? 12 U   A O4     1 
ATOM   256 C  C5     . U   A 1 12 ? 9.221   7.039   1.420   1.00 40.96 ? 12 U   A C5     1 
ATOM   257 C  C6     . U   A 1 12 ? 10.325  6.377   1.793   1.00 40.96 ? 12 U   A C6     1 
ATOM   258 P  P      . C   A 1 13 ? 15.386  7.899   0.604   1.00 36.94 ? 13 C   A P      1 
ATOM   259 O  OP1    . C   A 1 13 ? 16.795  8.293   0.814   1.00 36.85 ? 13 C   A OP1    1 
ATOM   260 O  OP2    . C   A 1 13 ? 14.294  8.848   0.923   1.00 37.10 ? 13 C   A OP2    1 
ATOM   261 O  "O5'"  . C   A 1 13 ? 15.194  7.441   -0.914  1.00 35.69 ? 13 C   A "O5'"  1 
ATOM   262 C  "C5'"  . C   A 1 13 ? 16.050  6.460   -1.484  1.00 33.81 ? 13 C   A "C5'"  1 
ATOM   263 C  "C4'"  . C   A 1 13 ? 15.395  5.844   -2.701  1.00 32.38 ? 13 C   A "C4'"  1 
ATOM   264 O  "O4'"  . C   A 1 13 ? 14.073  5.373   -2.348  1.00 32.01 ? 13 C   A "O4'"  1 
ATOM   265 C  "C3'"  . C   A 1 13 ? 15.130  6.818   -3.833  1.00 31.59 ? 13 C   A "C3'"  1 
ATOM   266 O  "O3'"  . C   A 1 13 ? 16.277  6.980   -4.633  1.00 30.93 ? 13 C   A "O3'"  1 
ATOM   267 C  "C2'"  . C   A 1 13 ? 14.011  6.119   -4.587  1.00 31.54 ? 13 C   A "C2'"  1 
ATOM   268 O  "O2'"  . C   A 1 13 ? 14.464  5.063   -5.414  1.00 31.73 ? 13 C   A "O2'"  1 
ATOM   269 C  "C1'"  . C   A 1 13 ? 13.182  5.580   -3.428  1.00 31.45 ? 13 C   A "C1'"  1 
ATOM   270 N  N1     . C   A 1 13 ? 12.069  6.507   -3.030  1.00 31.27 ? 13 C   A N1     1 
ATOM   271 C  C2     . C   A 1 13 ? 10.907  6.557   -3.817  1.00 31.29 ? 13 C   A C2     1 
ATOM   272 O  O2     . C   A 1 13 ? 10.812  5.840   -4.817  1.00 31.49 ? 13 C   A O2     1 
ATOM   273 N  N3     . C   A 1 13 ? 9.901   7.392   -3.459  1.00 31.24 ? 13 C   A N3     1 
ATOM   274 C  C4     . C   A 1 13 ? 10.019  8.158   -2.376  1.00 31.32 ? 13 C   A C4     1 
ATOM   275 N  N4     . C   A 1 13 ? 8.995   8.960   -2.075  1.00 31.39 ? 13 C   A N4     1 
ATOM   276 C  C5     . C   A 1 13 ? 11.189  8.129   -1.557  1.00 31.35 ? 13 C   A C5     1 
ATOM   277 C  C6     . C   A 1 13 ? 12.175  7.300   -1.920  1.00 31.21 ? 13 C   A C6     1 
ATOM   278 P  P      . U   A 1 14 ? 16.551  8.414   -5.283  1.00 30.70 ? 14 U   A P      1 
ATOM   279 O  OP1    . U   A 1 14 ? 17.934  8.408   -5.815  1.00 31.02 ? 14 U   A OP1    1 
ATOM   280 O  OP2    . U   A 1 14 ? 16.147  9.449   -4.302  1.00 30.42 ? 14 U   A OP2    1 
ATOM   281 O  "O5'"  . U   A 1 14 ? 15.523  8.454   -6.508  1.00 29.84 ? 14 U   A "O5'"  1 
ATOM   282 C  "C5'"  . U   A 1 14 ? 15.613  7.496   -7.562  1.00 29.05 ? 14 U   A "C5'"  1 
ATOM   283 C  "C4'"  . U   A 1 14 ? 14.666  7.824   -8.702  1.00 28.32 ? 14 U   A "C4'"  1 
ATOM   284 O  "O4'"  . U   A 1 14 ? 13.322  7.361   -8.401  1.00 28.02 ? 14 U   A "O4'"  1 
ATOM   285 C  "C3'"  . U   A 1 14 ? 14.493  9.306   -8.995  1.00 27.84 ? 14 U   A "C3'"  1 
ATOM   286 O  "O3'"  . U   A 1 14 ? 15.576  9.773   -9.783  1.00 27.42 ? 14 U   A "O3'"  1 
ATOM   287 C  "C2'"  . U   A 1 14 ? 13.151  9.298   -9.722  1.00 27.76 ? 14 U   A "C2'"  1 
ATOM   288 O  "O2'"  . U   A 1 14 ? 13.250  8.851   -11.060 1.00 27.72 ? 14 U   A "O2'"  1 
ATOM   289 C  "C1'"  . U   A 1 14 ? 12.374  8.310   -8.854  1.00 27.66 ? 14 U   A "C1'"  1 
ATOM   290 N  N1     . U   A 1 14 ? 11.686  8.972   -7.683  1.00 27.54 ? 14 U   A N1     1 
ATOM   291 C  C2     . U   A 1 14 ? 10.404  9.469   -7.849  1.00 27.63 ? 14 U   A C2     1 
ATOM   292 O  O2     . U   A 1 14 ? 9.785   9.396   -8.896  1.00 27.79 ? 14 U   A O2     1 
ATOM   293 N  N3     . U   A 1 14 ? 9.860   10.063  -6.732  1.00 27.54 ? 14 U   A N3     1 
ATOM   294 C  C4     . U   A 1 14 ? 10.456  10.209  -5.488  1.00 27.63 ? 14 U   A C4     1 
ATOM   295 O  O4     . U   A 1 14 ? 9.849   10.764  -4.578  1.00 27.68 ? 14 U   A O4     1 
ATOM   296 C  C5     . U   A 1 14 ? 11.790  9.673   -5.384  1.00 27.59 ? 14 U   A C5     1 
ATOM   297 C  C6     . U   A 1 14 ? 12.334  9.091   -6.461  1.00 27.48 ? 14 U   A C6     1 
ATOM   298 P  P      . G   A 1 15 ? 15.797  11.339  -10.023 1.00 26.96 ? 15 G   A P      1 
ATOM   299 O  OP1    . G   A 1 15 ? 17.140  11.525  -10.617 1.00 26.91 ? 15 G   A OP1    1 
ATOM   300 O  OP2    . G   A 1 15 ? 15.431  12.091  -8.796  1.00 26.61 ? 15 G   A OP2    1 
ATOM   301 O  "O5'"  . G   A 1 15 ? 14.706  11.604  -11.155 1.00 26.20 ? 15 G   A "O5'"  1 
ATOM   302 C  "C5'"  . G   A 1 15 ? 14.121  12.865  -11.244 1.00 25.30 ? 15 G   A "C5'"  1 
ATOM   303 C  "C4'"  . G   A 1 15 ? 12.852  12.809  -12.054 1.00 24.59 ? 15 G   A "C4'"  1 
ATOM   304 O  "O4'"  . G   A 1 15 ? 11.915  11.874  -11.473 1.00 24.63 ? 15 G   A "O4'"  1 
ATOM   305 C  "C3'"  . G   A 1 15 ? 12.143  14.142  -12.029 1.00 24.45 ? 15 G   A "C3'"  1 
ATOM   306 O  "O3'"  . G   A 1 15 ? 12.640  14.922  -13.089 1.00 24.08 ? 15 G   A "O3'"  1 
ATOM   307 C  "C2'"  . G   A 1 15 ? 10.676  13.758  -12.146 1.00 24.70 ? 15 G   A "C2'"  1 
ATOM   308 O  "O2'"  . G   A 1 15 ? 10.278  13.427  -13.460 1.00 25.26 ? 15 G   A "O2'"  1 
ATOM   309 C  "C1'"  . G   A 1 15 ? 10.672  12.519  -11.252 1.00 24.97 ? 15 G   A "C1'"  1 
ATOM   310 N  N9     . G   A 1 15 ? 10.539  12.824  -9.823  1.00 25.05 ? 15 G   A N9     1 
ATOM   311 C  C8     . G   A 1 15 ? 11.467  12.589  -8.834  1.00 25.12 ? 15 G   A C8     1 
ATOM   312 N  N7     . G   A 1 15 ? 11.082  12.963  -7.647  1.00 25.19 ? 15 G   A N7     1 
ATOM   313 C  C5     . G   A 1 15 ? 9.814   13.481  -7.850  1.00 25.11 ? 15 G   A C5     1 
ATOM   314 C  C6     . G   A 1 15 ? 8.899   14.039  -6.920  1.00 25.13 ? 15 G   A C6     1 
ATOM   315 O  O6     . G   A 1 15 ? 9.041   14.191  -5.698  1.00 24.98 ? 15 G   A O6     1 
ATOM   316 N  N1     . G   A 1 15 ? 7.718   14.450  -7.542  1.00 25.15 ? 15 G   A N1     1 
ATOM   317 C  C2     . G   A 1 15 ? 7.460   14.331  -8.889  1.00 25.10 ? 15 G   A C2     1 
ATOM   318 N  N2     . G   A 1 15 ? 6.269   14.774  -9.314  1.00 25.17 ? 15 G   A N2     1 
ATOM   319 N  N3     . G   A 1 15 ? 8.308   13.807  -9.766  1.00 25.00 ? 15 G   A N3     1 
ATOM   320 C  C4     . G   A 1 15 ? 9.463   13.403  -9.183  1.00 25.02 ? 15 G   A C4     1 
ATOM   321 P  P      . C   A 1 16 ? 13.465  16.241  -12.717 1.00 23.86 ? 16 C   A P      1 
ATOM   322 O  OP1    . C   A 1 16 ? 14.230  16.669  -13.907 1.00 23.54 ? 16 C   A OP1    1 
ATOM   323 O  OP2    . C   A 1 16 ? 14.153  16.062  -11.417 1.00 23.52 ? 16 C   A OP2    1 
ATOM   324 O  "O5'"  . C   A 1 16 ? 12.266  17.265  -12.490 1.00 24.00 ? 16 C   A "O5'"  1 
ATOM   325 C  "C5'"  . C   A 1 16 ? 11.284  17.400  -13.505 1.00 24.04 ? 16 C   A "C5'"  1 
ATOM   326 C  "C4'"  . C   A 1 16 ? 10.024  17.972  -12.908 1.00 24.01 ? 16 C   A "C4'"  1 
ATOM   327 O  "O4'"  . C   A 1 16 ? 9.537   17.065  -11.894 1.00 23.87 ? 16 C   A "O4'"  1 
ATOM   328 C  "C3'"  . C   A 1 16 ? 10.231  19.284  -12.171 1.00 24.19 ? 16 C   A "C3'"  1 
ATOM   329 O  "O3'"  . C   A 1 16 ? 10.230  20.371  -13.086 1.00 24.35 ? 16 C   A "O3'"  1 
ATOM   330 C  "C2'"  . C   A 1 16 ? 9.018   19.289  -11.253 1.00 24.14 ? 16 C   A "C2'"  1 
ATOM   331 O  "O2'"  . C   A 1 16 ? 7.846   19.707  -11.924 1.00 24.72 ? 16 C   A "O2'"  1 
ATOM   332 C  "C1'"  . C   A 1 16 ? 8.904   17.814  -10.873 1.00 23.87 ? 16 C   A "C1'"  1 
ATOM   333 N  N1     . C   A 1 16 ? 9.516   17.487  -9.546  1.00 23.69 ? 16 C   A N1     1 
ATOM   334 C  C2     . C   A 1 16 ? 8.752   17.625  -8.376  1.00 24.10 ? 16 C   A C2     1 
ATOM   335 O  O2     . C   A 1 16 ? 7.579   18.020  -8.440  1.00 24.24 ? 16 C   A O2     1 
ATOM   336 N  N3     . C   A 1 16 ? 9.323   17.324  -7.180  1.00 24.13 ? 16 C   A N3     1 
ATOM   337 C  C4     . C   A 1 16 ? 10.588  16.903  -7.126  1.00 23.86 ? 16 C   A C4     1 
ATOM   338 N  N4     . C   A 1 16 ? 11.096  16.621  -5.925  1.00 23.90 ? 16 C   A N4     1 
ATOM   339 C  C5     . C   A 1 16 ? 11.379  16.750  -8.303  1.00 23.89 ? 16 C   A C5     1 
ATOM   340 C  C6     . C   A 1 16 ? 10.810  17.051  -9.475  1.00 23.60 ? 16 C   A C6     1 
ATOM   341 O  "O5'"  . G   B 1 1  ? 3.993   18.385  2.255   1.00 20.58 ? 17 G   B "O5'"  1 
ATOM   342 C  "C5'"  . G   B 1 1  ? 3.460   17.822  1.061   1.00 20.41 ? 17 G   B "C5'"  1 
ATOM   343 C  "C4'"  . G   B 1 1  ? 2.845   18.899  0.182   1.00 20.28 ? 17 G   B "C4'"  1 
ATOM   344 O  "O4'"  . G   B 1 1  ? 3.813   19.949  -0.069  1.00 20.60 ? 17 G   B "O4'"  1 
ATOM   345 C  "C3'"  . G   B 1 1  ? 2.407   18.403  -1.187  1.00 20.24 ? 17 G   B "C3'"  1 
ATOM   346 O  "O3'"  . G   B 1 1  ? 1.010   18.208  -1.190  1.00 19.95 ? 17 G   B "O3'"  1 
ATOM   347 C  "C2'"  . G   B 1 1  ? 2.807   19.519  -2.145  1.00 20.43 ? 17 G   B "C2'"  1 
ATOM   348 O  "O2'"  . G   B 1 1  ? 1.823   20.521  -2.276  1.00 20.66 ? 17 G   B "O2'"  1 
ATOM   349 C  "C1'"  . G   B 1 1  ? 4.039   20.095  -1.459  1.00 21.02 ? 17 G   B "C1'"  1 
ATOM   350 N  N9     . G   B 1 1  ? 5.297   19.435  -1.820  1.00 21.17 ? 17 G   B N9     1 
ATOM   351 C  C8     . G   B 1 1  ? 6.247   18.961  -0.947  1.00 21.30 ? 17 G   B C8     1 
ATOM   352 N  N7     . G   B 1 1  ? 7.275   18.418  -1.531  1.00 21.24 ? 17 G   B N7     1 
ATOM   353 C  C5     . G   B 1 1  ? 6.996   18.536  -2.883  1.00 21.14 ? 17 G   B C5     1 
ATOM   354 C  C6     . G   B 1 1  ? 7.755   18.121  -4.004  1.00 21.35 ? 17 G   B C6     1 
ATOM   355 O  O6     . G   B 1 1  ? 8.853   17.550  -4.008  1.00 21.43 ? 17 G   B O6     1 
ATOM   356 N  N1     . G   B 1 1  ? 7.126   18.424  -5.213  1.00 21.44 ? 17 G   B N1     1 
ATOM   357 C  C2     . G   B 1 1  ? 5.906   19.056  -5.318  1.00 21.43 ? 17 G   B C2     1 
ATOM   358 N  N2     . G   B 1 1  ? 5.450   19.268  -6.564  1.00 21.36 ? 17 G   B N2     1 
ATOM   359 N  N3     . G   B 1 1  ? 5.186   19.449  -4.270  1.00 21.40 ? 17 G   B N3     1 
ATOM   360 C  C4     . G   B 1 1  ? 5.785   19.162  -3.083  1.00 21.14 ? 17 G   B C4     1 
ATOM   361 P  P      . C   B 1 2  ? 0.426   16.782  -1.602  1.00 20.09 ? 18 C   B P      1 
ATOM   362 O  OP1    . C   B 1 2  ? -1.015  16.765  -1.260  1.00 20.10 ? 18 C   B OP1    1 
ATOM   363 O  OP2    . C   B 1 2  ? 1.333   15.755  -1.039  1.00 20.56 ? 18 C   B OP2    1 
ATOM   364 O  "O5'"  . C   B 1 2  ? 0.610   16.747  -3.190  1.00 20.03 ? 18 C   B "O5'"  1 
ATOM   365 C  "C5'"  . C   B 1 2  ? -0.036  17.697  -4.030  1.00 20.28 ? 18 C   B "C5'"  1 
ATOM   366 C  "C4'"  . C   B 1 2  ? 0.464   17.590  -5.461  1.00 20.54 ? 18 C   B "C4'"  1 
ATOM   367 O  "O4'"  . C   B 1 2  ? 1.815   18.104  -5.557  1.00 20.34 ? 18 C   B "O4'"  1 
ATOM   368 C  "C3'"  . C   B 1 2  ? 0.586   16.174  -5.998  1.00 20.84 ? 18 C   B "C3'"  1 
ATOM   369 O  "O3'"  . C   B 1 2  ? -0.651  15.719  -6.475  1.00 22.12 ? 18 C   B "O3'"  1 
ATOM   370 C  "C2'"  . C   B 1 2  ? 1.585   16.353  -7.127  1.00 20.50 ? 18 C   B "C2'"  1 
ATOM   371 O  "O2'"  . C   B 1 2  ? 1.010   16.943  -8.276  1.00 20.91 ? 18 C   B "O2'"  1 
ATOM   372 C  "C1'"  . C   B 1 2  ? 2.565   17.314  -6.465  1.00 20.02 ? 18 C   B "C1'"  1 
ATOM   373 N  N1     . C   B 1 2  ? 3.690   16.625  -5.745  1.00 19.67 ? 18 C   B N1     1 
ATOM   374 C  C2     . C   B 1 2  ? 4.755   16.081  -6.478  1.00 19.64 ? 18 C   B C2     1 
ATOM   375 O  O2     . C   B 1 2  ? 4.762   16.173  -7.710  1.00 19.74 ? 18 C   B O2     1 
ATOM   376 N  N3     . C   B 1 2  ? 5.763   15.468  -5.809  1.00 19.66 ? 18 C   B N3     1 
ATOM   377 C  C4     . C   B 1 2  ? 5.738   15.382  -4.478  1.00 19.55 ? 18 C   B C4     1 
ATOM   378 N  N4     . C   B 1 2  ? 6.755   14.766  -3.873  1.00 19.75 ? 18 C   B N4     1 
ATOM   379 C  C5     . C   B 1 2  ? 4.670   15.924  -3.710  1.00 19.59 ? 18 C   B C5     1 
ATOM   380 C  C6     . C   B 1 2  ? 3.682   16.527  -4.380  1.00 19.68 ? 18 C   B C6     1 
ATOM   381 P  P      . A   B 1 3  ? -1.010  14.178  -6.280  1.00 23.49 ? 19 A   B P      1 
ATOM   382 O  OP1    . A   B 1 3  ? -2.443  14.027  -6.616  1.00 23.64 ? 19 A   B OP1    1 
ATOM   383 O  OP2    . A   B 1 3  ? -0.519  13.725  -4.958  1.00 23.52 ? 19 A   B OP2    1 
ATOM   384 O  "O5'"  . A   B 1 3  ? -0.110  13.473  -7.399  1.00 24.10 ? 19 A   B "O5'"  1 
ATOM   385 C  "C5'"  . A   B 1 3  ? -0.447  13.625  -8.772  1.00 25.16 ? 19 A   B "C5'"  1 
ATOM   386 C  "C4'"  . A   B 1 3  ? 0.570   12.944  -9.664  1.00 25.90 ? 19 A   B "C4'"  1 
ATOM   387 O  "O4'"  . A   B 1 3  ? 1.850   13.614  -9.549  1.00 26.06 ? 19 A   B "O4'"  1 
ATOM   388 C  "C3'"  . A   B 1 3  ? 0.904   11.505  -9.312  1.00 26.30 ? 19 A   B "C3'"  1 
ATOM   389 O  "O3'"  . A   B 1 3  ? -0.087  10.625  -9.787  1.00 27.00 ? 19 A   B "O3'"  1 
ATOM   390 C  "C2'"  . A   B 1 3  ? 2.221   11.344  -10.050 1.00 26.26 ? 19 A   B "C2'"  1 
ATOM   391 O  "O2'"  . A   B 1 3  ? 2.047   11.283  -11.452 1.00 26.49 ? 19 A   B "O2'"  1 
ATOM   392 C  "C1'"  . A   B 1 3  ? 2.888   12.656  -9.656  1.00 26.18 ? 19 A   B "C1'"  1 
ATOM   393 N  N9     . A   B 1 3  ? 3.607   12.584  -8.384  1.00 26.12 ? 19 A   B N9     1 
ATOM   394 C  C8     . A   B 1 3  ? 3.195   13.059  -7.169  1.00 26.20 ? 19 A   B C8     1 
ATOM   395 N  N7     . A   B 1 3  ? 4.052   12.853  -6.198  1.00 26.26 ? 19 A   B N7     1 
ATOM   396 C  C5     . A   B 1 3  ? 5.100   12.199  -6.818  1.00 25.98 ? 19 A   B C5     1 
ATOM   397 C  C6     . A   B 1 3  ? 6.328   11.703  -6.335  1.00 25.96 ? 19 A   B C6     1 
ATOM   398 N  N6     . A   B 1 3  ? 6.705   11.803  -5.059  1.00 25.97 ? 19 A   B N6     1 
ATOM   399 N  N1     . A   B 1 3  ? 7.158   11.096  -7.216  1.00 26.22 ? 19 A   B N1     1 
ATOM   400 C  C2     . A   B 1 3  ? 6.778   10.997  -8.498  1.00 26.21 ? 19 A   B C2     1 
ATOM   401 N  N3     . A   B 1 3  ? 5.647   11.427  -9.067  1.00 26.21 ? 19 A   B N3     1 
ATOM   402 C  C4     . A   B 1 3  ? 4.843   12.023  -8.165  1.00 26.09 ? 19 A   B C4     1 
HETATM 403 O  O6     . XUG B 1 4  ? 6.570   8.689   -3.755  1.00 28.06 ? 20 XUG B O6     1 
HETATM 404 C  C6     . XUG B 1 4  ? 6.678   8.277   -4.930  1.00 28.14 ? 20 XUG B C6     1 
HETATM 405 C  C5     . XUG B 1 4  ? 5.623   8.409   -5.829  1.00 28.09 ? 20 XUG B C5     1 
HETATM 406 N  N7     . XUG B 1 4  ? 4.380   8.928   -5.748  1.00 28.12 ? 20 XUG B N7     1 
HETATM 407 C  C8     . XUG B 1 4  ? 3.792   8.781   -6.956  1.00 28.09 ? 20 XUG B C8     1 
HETATM 408 N  N1     . XUG B 1 4  ? 7.826   7.688   -5.339  1.00 28.06 ? 20 XUG B N1     1 
HETATM 409 C  C2     . XUG B 1 4  ? 7.957   7.233   -6.605  1.00 28.00 ? 20 XUG B C2     1 
HETATM 410 N  N2     . XUG B 1 4  ? 9.107   6.648   -7.008  1.00 28.17 ? 20 XUG B N2     1 
HETATM 411 N  N3     . XUG B 1 4  ? 6.948   7.356   -7.489  1.00 27.89 ? 20 XUG B N3     1 
HETATM 412 C  C4     . XUG B 1 4  ? 5.783   7.937   -7.120  1.00 28.00 ? 20 XUG B C4     1 
HETATM 413 N  N9     . XUG B 1 4  ? 4.654   8.179   -7.786  1.00 28.16 ? 20 XUG B N9     1 
HETATM 414 C  "C1'"  . XUG B 1 4  ? 4.421   7.816   -9.202  1.00 28.48 ? 20 XUG B "C1'"  1 
HETATM 415 O  "O4'"  . XUG B 1 4  ? 3.198   8.383   -9.670  1.00 28.36 ? 20 XUG B "O4'"  1 
HETATM 416 C  "C2'"  . XUG B 1 4  ? 4.264   6.308   -9.279  1.00 29.92 ? 20 XUG B "C2'"  1 
HETATM 417 SE "SE2'" . XUG B 1 4  ? 5.082   5.587   -10.920 1.00 35.29 ? 20 XUG B "SE2'" 1 
HETATM 418 C  "CA'"  . XUG B 1 4  ? 6.253   7.068   -11.507 1.00 33.89 ? 20 XUG B "CA'"  1 
HETATM 419 C  "C3'"  . XUG B 1 4  ? 2.768   6.127   -9.305  1.00 28.55 ? 20 XUG B "C3'"  1 
HETATM 420 O  "O3'"  . XUG B 1 4  ? 2.357   4.926   -9.957  1.00 27.00 ? 20 XUG B "O3'"  1 
HETATM 421 C  "C4'"  . XUG B 1 4  ? 2.339   7.331   -10.105 1.00 28.26 ? 20 XUG B "C4'"  1 
HETATM 422 C  "C5'"  . XUG B 1 4  ? 0.873   7.632   -9.881  1.00 28.15 ? 20 XUG B "C5'"  1 
HETATM 423 O  "O5'"  . XUG B 1 4  ? 0.696   8.489   -8.770  1.00 27.67 ? 20 XUG B "O5'"  1 
HETATM 424 P  P      . XUG B 1 4  ? -0.574  9.463   -8.804  1.00 27.72 ? 20 XUG B P      1 
HETATM 425 O  OP1    . XUG B 1 4  ? -1.723  8.754   -9.483  1.00 27.70 ? 20 XUG B OP1    1 
HETATM 426 O  OP2    . XUG B 1 4  ? -0.732  10.018  -7.408  1.00 27.76 ? 20 XUG B OP2    1 
ATOM   427 P  P      . A   B 1 5  ? 1.930   3.657   -9.084  1.00 26.23 ? 21 A   B P      1 
ATOM   428 O  OP1    . A   B 1 5  ? 1.210   2.712   -9.961  1.00 26.50 ? 21 A   B OP1    1 
ATOM   429 O  OP2    . A   B 1 5  ? 1.295   4.097   -7.825  1.00 26.34 ? 21 A   B OP2    1 
ATOM   430 O  "O5'"  . A   B 1 5  ? 3.359   3.055   -8.723  1.00 26.16 ? 21 A   B "O5'"  1 
ATOM   431 C  "C5'"  . A   B 1 5  ? 4.125   2.407   -9.725  1.00 25.53 ? 21 A   B "C5'"  1 
ATOM   432 C  "C4'"  . A   B 1 5  ? 5.399   1.871   -9.117  1.00 25.33 ? 21 A   B "C4'"  1 
ATOM   433 O  "O4'"  . A   B 1 5  ? 6.222   2.981   -8.693  1.00 25.11 ? 21 A   B "O4'"  1 
ATOM   434 C  "C3'"  . A   B 1 5  ? 5.201   1.080   -7.838  1.00 25.33 ? 21 A   B "C3'"  1 
ATOM   435 O  "O3'"  . A   B 1 5  ? 4.816   -0.243  -8.128  1.00 25.90 ? 21 A   B "O3'"  1 
ATOM   436 C  "C2'"  . A   B 1 5  ? 6.584   1.180   -7.212  1.00 25.09 ? 21 A   B "C2'"  1 
ATOM   437 O  "O2'"  . A   B 1 5  ? 7.530   0.338   -7.835  1.00 25.18 ? 21 A   B "O2'"  1 
ATOM   438 C  "C1'"  . A   B 1 5  ? 6.901   2.642   -7.499  1.00 24.94 ? 21 A   B "C1'"  1 
ATOM   439 N  N9     . A   B 1 5  ? 6.446   3.541   -6.443  1.00 24.92 ? 21 A   B N9     1 
ATOM   440 C  C8     . A   B 1 5  ? 5.266   4.232   -6.396  1.00 24.99 ? 21 A   B C8     1 
ATOM   441 N  N7     . A   B 1 5  ? 5.122   4.965   -5.319  1.00 25.11 ? 21 A   B N7     1 
ATOM   442 C  C5     . A   B 1 5  ? 6.287   4.741   -4.611  1.00 24.82 ? 21 A   B C5     1 
ATOM   443 C  C6     . A   B 1 5  ? 6.754   5.233   -3.376  1.00 24.82 ? 21 A   B C6     1 
ATOM   444 N  N6     . A   B 1 5  ? 6.055   6.085   -2.617  1.00 24.88 ? 21 A   B N6     1 
ATOM   445 N  N1     . A   B 1 5  ? 7.965   4.813   -2.951  1.00 24.92 ? 21 A   B N1     1 
ATOM   446 C  C2     . A   B 1 5  ? 8.659   3.957   -3.715  1.00 25.00 ? 21 A   B C2     1 
ATOM   447 N  N3     . A   B 1 5  ? 8.324   3.428   -4.892  1.00 25.00 ? 21 A   B N3     1 
ATOM   448 C  C4     . A   B 1 5  ? 7.116   3.865   -5.288  1.00 24.88 ? 21 A   B C4     1 
ATOM   449 P  P      . G   B 1 6  ? 4.063   -1.086  -7.004  1.00 26.38 ? 22 G   B P      1 
ATOM   450 O  OP1    . G   B 1 6  ? 3.201   -2.067  -7.688  1.00 26.58 ? 22 G   B OP1    1 
ATOM   451 O  OP2    . G   B 1 6  ? 3.452   -0.157  -6.024  1.00 26.86 ? 22 G   B OP2    1 
ATOM   452 O  "O5'"  . G   B 1 6  ? 5.291   -1.840  -6.310  1.00 27.86 ? 22 G   B "O5'"  1 
ATOM   453 C  "C5'"  . G   B 1 6  ? 5.484   -1.768  -4.913  1.00 30.45 ? 22 G   B "C5'"  1 
ATOM   454 C  "C4'"  . G   B 1 6  ? 6.953   -1.874  -4.578  1.00 32.46 ? 22 G   B "C4'"  1 
ATOM   455 O  "O4'"  . G   B 1 6  ? 7.566   -0.561  -4.590  1.00 33.23 ? 22 G   B "O4'"  1 
ATOM   456 C  "C3'"  . G   B 1 6  ? 7.218   -2.359  -3.169  1.00 33.77 ? 22 G   B "C3'"  1 
ATOM   457 O  "O3'"  . G   B 1 6  ? 7.119   -3.765  -3.100  1.00 35.42 ? 22 G   B "O3'"  1 
ATOM   458 C  "C2'"  . G   B 1 6  ? 8.643   -1.870  -2.949  1.00 33.96 ? 22 G   B "C2'"  1 
ATOM   459 O  "O2'"  . G   B 1 6  ? 9.617   -2.636  -3.634  1.00 34.10 ? 22 G   B "O2'"  1 
ATOM   460 C  "C1'"  . G   B 1 6  ? 8.525   -0.472  -3.545  1.00 34.09 ? 22 G   B "C1'"  1 
ATOM   461 N  N9     . G   B 1 6  ? 8.126   0.534   -2.550  1.00 34.29 ? 22 G   B N9     1 
ATOM   462 C  C8     . G   B 1 6  ? 8.889   0.972   -1.482  1.00 34.39 ? 22 G   B C8     1 
ATOM   463 N  N7     . G   B 1 6  ? 8.303   1.871   -0.741  1.00 34.19 ? 22 G   B N7     1 
ATOM   464 C  C5     . G   B 1 6  ? 7.068   2.045   -1.357  1.00 34.19 ? 22 G   B C5     1 
ATOM   465 C  C6     . G   B 1 6  ? 5.992   2.897   -1.009  1.00 34.19 ? 22 G   B C6     1 
ATOM   466 O  O6     . G   B 1 6  ? 5.926   3.684   -0.063  1.00 34.20 ? 22 G   B O6     1 
ATOM   467 N  N1     . G   B 1 6  ? 4.910   2.782   -1.883  1.00 34.44 ? 22 G   B N1     1 
ATOM   468 C  C2     . G   B 1 6  ? 4.872   1.938   -2.973  1.00 34.47 ? 22 G   B C2     1 
ATOM   469 N  N2     . G   B 1 6  ? 3.744   1.956   -3.708  1.00 34.35 ? 22 G   B N2     1 
ATOM   470 N  N3     . G   B 1 6  ? 5.877   1.132   -3.310  1.00 34.21 ? 22 G   B N3     1 
ATOM   471 C  C4     . G   B 1 6  ? 6.939   1.232   -2.466  1.00 34.13 ? 22 G   B C4     1 
ATOM   472 P  P      . U   B 1 7  ? 6.198   -4.425  -1.971  1.00 36.66 ? 23 U   B P      1 
ATOM   473 O  OP1    . U   B 1 7  ? 6.302   -5.893  -2.129  1.00 36.53 ? 23 U   B OP1    1 
ATOM   474 O  OP2    . U   B 1 7  ? 4.869   -3.774  -2.040  1.00 36.39 ? 23 U   B OP2    1 
ATOM   475 O  "O5'"  . U   B 1 7  ? 6.897   -3.976  -0.596  1.00 37.54 ? 23 U   B "O5'"  1 
ATOM   476 C  "C5'"  . U   B 1 7  ? 8.226   -4.390  -0.256  1.00 39.08 ? 23 U   B "C5'"  1 
ATOM   477 C  "C4'"  . U   B 1 7  ? 8.758   -3.633  0.951   1.00 40.40 ? 23 U   B "C4'"  1 
ATOM   478 O  "O4'"  . U   B 1 7  ? 8.820   -2.203  0.693   1.00 40.61 ? 23 U   B "O4'"  1 
ATOM   479 C  "C3'"  . U   B 1 7  ? 7.897   -3.719  2.201   1.00 41.12 ? 23 U   B "C3'"  1 
ATOM   480 O  "O3'"  . U   B 1 7  ? 8.092   -4.946  2.873   1.00 42.52 ? 23 U   B "O3'"  1 
ATOM   481 C  "C2'"  . U   B 1 7  ? 8.408   -2.525  2.995   1.00 40.94 ? 23 U   B "C2'"  1 
ATOM   482 O  "O2'"  . U   B 1 7  ? 9.684   -2.739  3.569   1.00 40.76 ? 23 U   B "O2'"  1 
ATOM   483 C  "C1'"  . U   B 1 7  ? 8.482   -1.488  1.875   1.00 40.80 ? 23 U   B "C1'"  1 
ATOM   484 N  N1     . U   B 1 7  ? 7.194   -0.701  1.691   1.00 40.85 ? 23 U   B N1     1 
ATOM   485 C  C2     . U   B 1 7  ? 6.829   0.261   2.625   1.00 40.88 ? 23 U   B C2     1 
ATOM   486 O  O2     . U   B 1 7  ? 7.482   0.533   3.617   1.00 41.06 ? 23 U   B O2     1 
ATOM   487 N  N3     . U   B 1 7  ? 5.646   0.914   2.365   1.00 40.75 ? 23 U   B N3     1 
ATOM   488 C  C4     . U   B 1 7  ? 4.799   0.715   1.288   1.00 40.80 ? 23 U   B C4     1 
ATOM   489 O  O4     . U   B 1 7  ? 3.773   1.379   1.191   1.00 40.85 ? 23 U   B O4     1 
ATOM   490 C  C5     . U   B 1 7  ? 5.233   -0.296  0.357   1.00 40.92 ? 23 U   B C5     1 
ATOM   491 C  C6     . U   B 1 7  ? 6.385   -0.945  0.590   1.00 40.97 ? 23 U   B C6     1 
ATOM   492 P  P      . U   B 1 8  ? 6.815   -5.714  3.464   1.00 43.57 ? 24 U   B P      1 
ATOM   493 O  OP1    . U   B 1 8  ? 7.229   -7.106  3.744   1.00 43.62 ? 24 U   B OP1    1 
ATOM   494 O  OP2    . U   B 1 8  ? 5.650   -5.467  2.585   1.00 43.61 ? 24 U   B OP2    1 
ATOM   495 O  "O5'"  . U   B 1 8  ? 6.546   -4.944  4.841   1.00 44.27 ? 24 U   B "O5'"  1 
ATOM   496 C  "C5'"  . U   B 1 8  ? 7.559   -4.847  5.840   1.00 45.46 ? 24 U   B "C5'"  1 
ATOM   497 C  "C4'"  . U   B 1 8  ? 7.214   -3.775  6.855   1.00 46.28 ? 24 U   B "C4'"  1 
ATOM   498 O  "O4'"  . U   B 1 8  ? 7.174   -2.477  6.205   1.00 46.32 ? 24 U   B "O4'"  1 
ATOM   499 C  "C3'"  . U   B 1 8  ? 5.829   -3.900  7.471   1.00 46.73 ? 24 U   B "C3'"  1 
ATOM   500 O  "O3'"  . U   B 1 8  ? 5.789   -4.873  8.499   1.00 47.68 ? 24 U   B "O3'"  1 
ATOM   501 C  "C2'"  . U   B 1 8  ? 5.616   -2.482  7.981   1.00 46.58 ? 24 U   B "C2'"  1 
ATOM   502 O  "O2'"  . U   B 1 8  ? 6.368   -2.186  9.145   1.00 46.32 ? 24 U   B "O2'"  1 
ATOM   503 C  "C1'"  . U   B 1 8  ? 6.127   -1.699  6.768   1.00 46.51 ? 24 U   B "C1'"  1 
ATOM   504 N  N1     . U   B 1 8  ? 5.051   -1.417  5.734   1.00 46.53 ? 24 U   B N1     1 
ATOM   505 C  C2     . U   B 1 8  ? 4.080   -0.455  5.993   1.00 46.51 ? 24 U   B C2     1 
ATOM   506 O  O2     . U   B 1 8  ? 4.024   0.201   7.018   1.00 46.65 ? 24 U   B O2     1 
ATOM   507 N  N3     . U   B 1 8  ? 3.151   -0.277  4.996   1.00 46.38 ? 24 U   B N3     1 
ATOM   508 C  C4     . U   B 1 8  ? 3.087   -0.948  3.789   1.00 46.48 ? 24 U   B C4     1 
ATOM   509 O  O4     . U   B 1 8  ? 2.192   -0.678  2.997   1.00 46.62 ? 24 U   B O4     1 
ATOM   510 C  C5     . U   B 1 8  ? 4.122   -1.931  3.581   1.00 46.51 ? 24 U   B C5     1 
ATOM   511 C  C6     . U   B 1 8  ? 5.039   -2.121  4.539   1.00 46.45 ? 24 U   B C6     1 
ATOM   512 P  P      . A   B 1 9  ? 4.465   -5.763  8.663   1.00 48.56 ? 25 A   B P      1 
ATOM   513 O  OP1    . A   B 1 9  ? 4.784   -6.864  9.600   1.00 48.76 ? 25 A   B OP1    1 
ATOM   514 O  OP2    . A   B 1 9  ? 3.937   -6.088  7.320   1.00 48.39 ? 25 A   B OP2    1 
ATOM   515 O  "O5'"  . A   B 1 9  ? 3.436   -4.756  9.362   1.00 49.11 ? 25 A   B "O5'"  1 
ATOM   516 C  "C5'"  . A   B 1 9  ? 3.661   -4.323  10.701  1.00 50.00 ? 25 A   B "C5'"  1 
ATOM   517 C  "C4'"  . A   B 1 9  ? 2.700   -3.218  11.089  1.00 50.58 ? 25 A   B "C4'"  1 
ATOM   518 O  "O4'"  . A   B 1 9  ? 2.874   -2.089  10.201  1.00 50.77 ? 25 A   B "O4'"  1 
ATOM   519 C  "C3'"  . A   B 1 9  ? 1.229   -3.571  10.952  1.00 50.90 ? 25 A   B "C3'"  1 
ATOM   520 O  "O3'"  . A   B 1 9  ? 0.782   -4.254  12.101  1.00 51.62 ? 25 A   B "O3'"  1 
ATOM   521 C  "C2'"  . A   B 1 9  ? 0.594   -2.193  10.820  1.00 50.93 ? 25 A   B "C2'"  1 
ATOM   522 O  "O2'"  . A   B 1 9  ? 0.458   -1.515  12.056  1.00 51.08 ? 25 A   B "O2'"  1 
ATOM   523 C  "C1'"  . A   B 1 9  ? 1.616   -1.495  9.934   1.00 50.86 ? 25 A   B "C1'"  1 
ATOM   524 N  N9     . A   B 1 9  ? 1.312   -1.624  8.510   1.00 50.83 ? 25 A   B N9     1 
ATOM   525 C  C8     . A   B 1 9  ? 1.867   -2.497  7.613   1.00 50.85 ? 25 A   B C8     1 
ATOM   526 N  N7     . A   B 1 9  ? 1.396   -2.382  6.396   1.00 50.80 ? 25 A   B N7     1 
ATOM   527 C  C5     . A   B 1 9  ? 0.463   -1.364  6.501   1.00 50.81 ? 25 A   B C5     1 
ATOM   528 C  C6     . A   B 1 9  ? -0.394  -0.754  5.559   1.00 50.92 ? 25 A   B C6     1 
ATOM   529 N  N6     . A   B 1 9  ? -0.439  -1.112  4.272   1.00 50.98 ? 25 A   B N6     1 
ATOM   530 N  N1     . A   B 1 9  ? -1.207  0.238   5.990   1.00 50.87 ? 25 A   B N1     1 
ATOM   531 C  C2     . A   B 1 9  ? -1.160  0.596   7.282   1.00 50.84 ? 25 A   B C2     1 
ATOM   532 N  N3     . A   B 1 9  ? -0.398  0.098   8.258   1.00 50.82 ? 25 A   B N3     1 
ATOM   533 C  C4     . A   B 1 9  ? 0.398   -0.886  7.798   1.00 50.77 ? 25 A   B C4     1 
ATOM   534 P  P      . A   B 1 10 ? -0.381  -5.341  11.961  1.00 52.30 ? 26 A   B P      1 
ATOM   535 O  OP1    . A   B 1 10 ? -0.387  -6.131  13.213  1.00 52.40 ? 26 A   B OP1    1 
ATOM   536 O  OP2    . A   B 1 10 ? -0.220  -6.038  10.663  1.00 52.17 ? 26 A   B OP2    1 
ATOM   537 O  "O5'"  . A   B 1 10 ? -1.705  -4.440  11.885  1.00 52.43 ? 26 A   B "O5'"  1 
ATOM   538 C  "C5'"  . A   B 1 10 ? -2.121  -3.672  13.013  1.00 52.90 ? 26 A   B "C5'"  1 
ATOM   539 C  "C4'"  . A   B 1 10 ? -3.129  -2.608  12.622  1.00 53.31 ? 26 A   B "C4'"  1 
ATOM   540 O  "O4'"  . A   B 1 10 ? -2.580  -1.779  11.570  1.00 53.55 ? 26 A   B "O4'"  1 
ATOM   541 C  "C3'"  . A   B 1 10 ? -4.424  -3.130  12.018  1.00 53.63 ? 26 A   B "C3'"  1 
ATOM   542 O  "O3'"  . A   B 1 10 ? -5.336  -3.539  13.026  1.00 53.95 ? 26 A   B "O3'"  1 
ATOM   543 C  "C2'"  . A   B 1 10 ? -4.922  -1.919  11.233  1.00 53.70 ? 26 A   B "C2'"  1 
ATOM   544 O  "O2'"  . A   B 1 10 ? -5.548  -0.927  12.027  1.00 53.79 ? 26 A   B "O2'"  1 
ATOM   545 C  "C1'"  . A   B 1 10 ? -3.606  -1.399  10.664  1.00 53.62 ? 26 A   B "C1'"  1 
ATOM   546 N  N9     . A   B 1 10 ? -3.304  -1.908  9.322   1.00 53.57 ? 26 A   B N9     1 
ATOM   547 C  C8     . A   B 1 10 ? -2.457  -2.929  8.985   1.00 53.58 ? 26 A   B C8     1 
ATOM   548 N  N7     . A   B 1 10 ? -2.380  -3.161  7.695   1.00 53.52 ? 26 A   B N7     1 
ATOM   549 C  C5     . A   B 1 10 ? -3.240  -2.226  7.144   1.00 53.52 ? 26 A   B C5     1 
ATOM   550 C  C6     . A   B 1 10 ? -3.612  -1.942  5.812   1.00 53.55 ? 26 A   B C6     1 
ATOM   551 N  N6     . A   B 1 10 ? -3.136  -2.612  4.759   1.00 53.62 ? 26 A   B N6     1 
ATOM   552 N  N1     . A   B 1 10 ? -4.496  -0.942  5.599   1.00 53.56 ? 26 A   B N1     1 
ATOM   553 C  C2     . A   B 1 10 ? -4.977  -0.268  6.654   1.00 53.57 ? 26 A   B C2     1 
ATOM   554 N  N3     . A   B 1 10 ? -4.701  -0.443  7.949   1.00 53.56 ? 26 A   B N3     1 
ATOM   555 C  C4     . A   B 1 10 ? -3.820  -1.446  8.130   1.00 53.54 ? 26 A   B C4     1 
ATOM   556 P  P      . A   B 1 11 ? -6.289  -4.796  12.748  1.00 54.29 ? 27 A   B P      1 
ATOM   557 O  OP1    . A   B 1 11 ? -6.855  -5.213  14.053  1.00 54.18 ? 27 A   B OP1    1 
ATOM   558 O  OP2    . A   B 1 11 ? -5.534  -5.779  11.934  1.00 53.99 ? 27 A   B OP2    1 
ATOM   559 O  "O5'"  . A   B 1 11 ? -7.447  -4.173  11.823  1.00 54.24 ? 27 A   B "O5'"  1 
ATOM   560 C  "C5'"  . A   B 1 11 ? -8.595  -3.521  12.394  1.00 53.78 ? 27 A   B "C5'"  1 
ATOM   561 C  "C4'"  . A   B 1 11 ? -9.366  -2.681  11.385  1.00 53.08 ? 27 A   B "C4'"  1 
ATOM   562 O  "O4'"  . A   B 1 11 ? -8.460  -1.785  10.685  1.00 53.18 ? 27 A   B "O4'"  1 
ATOM   563 C  "C3'"  . A   B 1 11 ? -10.042 -3.433  10.243  1.00 52.32 ? 27 A   B "C3'"  1 
ATOM   564 O  "O3'"  . A   B 1 11 ? -11.267 -4.043  10.605  1.00 50.81 ? 27 A   B "O3'"  1 
ATOM   565 C  "C2'"  . A   B 1 11 ? -10.232 -2.304  9.239   1.00 52.71 ? 27 A   B "C2'"  1 
ATOM   566 O  "O2'"  . A   B 1 11 ? -11.214 -1.360  9.621   1.00 52.87 ? 27 A   B "O2'"  1 
ATOM   567 C  "C1'"  . A   B 1 11 ? -8.834  -1.711  9.318   1.00 53.25 ? 27 A   B "C1'"  1 
ATOM   568 N  N9     . A   B 1 11 ? -7.902  -2.480  8.493   1.00 53.42 ? 27 A   B N9     1 
ATOM   569 C  C8     . A   B 1 11 ? -6.950  -3.376  8.903   1.00 53.52 ? 27 A   B C8     1 
ATOM   570 N  N7     . A   B 1 11 ? -6.267  -3.925  7.930   1.00 53.50 ? 27 A   B N7     1 
ATOM   571 C  C5     . A   B 1 11 ? -6.815  -3.353  6.799   1.00 53.46 ? 27 A   B C5     1 
ATOM   572 C  C6     . A   B 1 11 ? -6.532  -3.514  5.431   1.00 53.49 ? 27 A   B C6     1 
ATOM   573 N  N6     . A   B 1 11 ? -5.583  -4.343  4.987   1.00 53.49 ? 27 A   B N6     1 
ATOM   574 N  N1     . A   B 1 11 ? -7.262  -2.795  4.546   1.00 53.55 ? 27 A   B N1     1 
ATOM   575 C  C2     . A   B 1 11 ? -8.215  -1.970  5.004   1.00 53.54 ? 27 A   B C2     1 
ATOM   576 N  N3     . A   B 1 11 ? -8.570  -1.735  6.268   1.00 53.46 ? 27 A   B N3     1 
ATOM   577 C  C4     . A   B 1 11 ? -7.825  -2.464  7.122   1.00 53.46 ? 27 A   B C4     1 
ATOM   578 P  P      . U   B 1 12 ? -11.642 -5.437  9.914   1.00 49.67 ? 28 U   B P      1 
ATOM   579 O  OP1    . U   B 1 12 ? -12.801 -5.986  10.655  1.00 49.50 ? 28 U   B OP1    1 
ATOM   580 O  OP2    . U   B 1 12 ? -10.405 -6.240  9.769   1.00 49.70 ? 28 U   B OP2    1 
ATOM   581 O  "O5'"  . U   B 1 12 ? -12.088 -5.029  8.431   1.00 48.36 ? 28 U   B "O5'"  1 
ATOM   582 C  "C5'"  . U   B 1 12 ? -13.292 -4.308  8.218   1.00 46.40 ? 28 U   B "C5'"  1 
ATOM   583 C  "C4'"  . U   B 1 12 ? -13.400 -3.839  6.782   1.00 44.81 ? 28 U   B "C4'"  1 
ATOM   584 O  "O4'"  . U   B 1 12 ? -12.129 -3.310  6.327   1.00 44.70 ? 28 U   B "O4'"  1 
ATOM   585 C  "C3'"  . U   B 1 12 ? -13.703 -4.925  5.766   1.00 43.69 ? 28 U   B "C3'"  1 
ATOM   586 O  "O3'"  . U   B 1 12 ? -15.073 -5.257  5.771   1.00 42.14 ? 28 U   B "O3'"  1 
ATOM   587 C  "C2'"  . U   B 1 12 ? -13.297 -4.212  4.483   1.00 44.09 ? 28 U   B "C2'"  1 
ATOM   588 O  "O2'"  . U   B 1 12 ? -14.247 -3.257  4.041   1.00 44.21 ? 28 U   B "O2'"  1 
ATOM   589 C  "C1'"  . U   B 1 12 ? -12.005 -3.533  4.931   1.00 44.40 ? 28 U   B "C1'"  1 
ATOM   590 N  N1     . U   B 1 12 ? -10.794 -4.374  4.630   1.00 44.42 ? 28 U   B N1     1 
ATOM   591 C  C2     . U   B 1 12 ? -10.295 -4.426  3.334   1.00 44.46 ? 28 U   B C2     1 
ATOM   592 O  O2     . U   B 1 12 ? -10.764 -3.816  2.386   1.00 44.67 ? 28 U   B O2     1 
ATOM   593 N  N3     . U   B 1 12 ? -9.194  -5.233  3.173   1.00 44.41 ? 28 U   B N3     1 
ATOM   594 C  C4     . U   B 1 12 ? -8.555  -5.979  4.147   1.00 44.42 ? 28 U   B C4     1 
ATOM   595 O  O4     . U   B 1 12 ? -7.577  -6.656  3.847   1.00 44.54 ? 28 U   B O4     1 
ATOM   596 C  C5     . U   B 1 12 ? -9.129  -5.882  5.467   1.00 44.56 ? 28 U   B C5     1 
ATOM   597 C  C6     . U   B 1 12 ? -10.201 -5.101  5.652   1.00 44.48 ? 28 U   B C6     1 
ATOM   598 P  P      . C   B 1 13 ? -15.526 -6.761  5.471   1.00 41.03 ? 29 C   B P      1 
ATOM   599 O  OP1    . C   B 1 13 ? -16.966 -6.866  5.797   1.00 40.87 ? 29 C   B OP1    1 
ATOM   600 O  OP2    . C   B 1 13 ? -14.558 -7.671  6.120   1.00 41.02 ? 29 C   B OP2    1 
ATOM   601 O  "O5'"  . C   B 1 13 ? -15.333 -6.906  3.889   1.00 40.11 ? 29 C   B "O5'"  1 
ATOM   602 C  "C5'"  . C   B 1 13 ? -16.092 -6.114  2.978   1.00 38.53 ? 29 C   B "C5'"  1 
ATOM   603 C  "C4'"  . C   B 1 13 ? -15.503 -6.200  1.584   1.00 37.32 ? 29 C   B "C4'"  1 
ATOM   604 O  "O4'"  . C   B 1 13 ? -14.143 -5.699  1.589   1.00 37.11 ? 29 C   B "O4'"  1 
ATOM   605 C  "C3'"  . C   B 1 13 ? -15.347 -7.614  1.056   1.00 36.56 ? 29 C   B "C3'"  1 
ATOM   606 O  "O3'"  . C   B 1 13 ? -16.551 -8.105  0.530   1.00 35.80 ? 29 C   B "O3'"  1 
ATOM   607 C  "C2'"  . C   B 1 13 ? -14.291 -7.416  -0.018  1.00 36.58 ? 29 C   B "C2'"  1 
ATOM   608 O  "O2'"  . C   B 1 13 ? -14.803 -6.791  -1.179  1.00 36.79 ? 29 C   B "O2'"  1 
ATOM   609 C  "C1'"  . C   B 1 13 ? -13.337 -6.488  0.728   1.00 36.56 ? 29 C   B "C1'"  1 
ATOM   610 N  N1     . C   B 1 13 ? -12.275 -7.234  1.505   1.00 36.42 ? 29 C   B N1     1 
ATOM   611 C  C2     . C   B 1 13 ? -11.141 -7.721  0.835   1.00 36.46 ? 29 C   B C2     1 
ATOM   612 O  O2     . C   B 1 13 ? -11.021 -7.533  -0.379  1.00 36.54 ? 29 C   B O2     1 
ATOM   613 N  N3     . C   B 1 13 ? -10.190 -8.394  1.534   1.00 36.37 ? 29 C   B N3     1 
ATOM   614 C  C4     . C   B 1 13 ? -10.336 -8.590  2.844   1.00 36.43 ? 29 C   B C4     1 
ATOM   615 N  N4     . C   B 1 13 ? -9.371  -9.257  3.484   1.00 36.54 ? 29 C   B N4     1 
ATOM   616 C  C5     . C   B 1 13 ? -11.476 -8.107  3.553   1.00 36.48 ? 29 C   B C5     1 
ATOM   617 C  C6     . C   B 1 13 ? -12.406 -7.447  2.851   1.00 36.38 ? 29 C   B C6     1 
ATOM   618 P  P      . U   B 1 14 ? -16.864 -9.651  0.770   1.00 35.65 ? 30 U   B P      1 
ATOM   619 O  OP1    . U   B 1 14 ? -18.317 -9.853  0.573   1.00 35.96 ? 30 U   B OP1    1 
ATOM   620 O  OP2    . U   B 1 14 ? -16.234 -10.057 2.049   1.00 35.44 ? 30 U   B OP2    1 
ATOM   621 O  "O5'"  . U   B 1 14 ? -16.070 -10.354 -0.425  1.00 35.04 ? 30 U   B "O5'"  1 
ATOM   622 C  "C5'"  . U   B 1 14 ? -16.534 -10.242 -1.764  1.00 34.36 ? 30 U   B "C5'"  1 
ATOM   623 C  "C4'"  . U   B 1 14 ? -15.554 -10.875 -2.734  1.00 33.83 ? 30 U   B "C4'"  1 
ATOM   624 O  "O4'"  . U   B 1 14 ? -14.260 -10.232 -2.615  1.00 33.67 ? 30 U   B "O4'"  1 
ATOM   625 C  "C3'"  . U   B 1 14 ? -15.229 -12.334 -2.474  1.00 33.44 ? 30 U   B "C3'"  1 
ATOM   626 O  "O3'"  . U   B 1 14 ? -16.228 -13.183 -2.983  1.00 33.06 ? 30 U   B "O3'"  1 
ATOM   627 C  "C2'"  . U   B 1 14 ? -13.924 -12.475 -3.240  1.00 33.39 ? 30 U   B "C2'"  1 
ATOM   628 O  "O2'"  . U   B 1 14 ? -14.114 -12.526 -4.641  1.00 33.53 ? 30 U   B "O2'"  1 
ATOM   629 C  "C1'"  . U   B 1 14 ? -13.231 -11.184 -2.823  1.00 33.31 ? 30 U   B "C1'"  1 
ATOM   630 N  N1     . U   B 1 14 ? -12.403 -11.352 -1.577  1.00 33.16 ? 30 U   B N1     1 
ATOM   631 C  C2     . U   B 1 14 ? -11.142 -11.916 -1.683  1.00 33.27 ? 30 U   B C2     1 
ATOM   632 O  O2     . U   B 1 14 ? -10.651 -12.283 -2.738  1.00 33.37 ? 30 U   B O2     1 
ATOM   633 N  N3     . U   B 1 14 ? -10.457 -12.034 -0.495  1.00 33.26 ? 30 U   B N3     1 
ATOM   634 C  C4     . U   B 1 14 ? -10.896 -11.655 0.765   1.00 33.36 ? 30 U   B C4     1 
ATOM   635 O  O4     . U   B 1 14 ? -10.168 -11.822 1.739   1.00 33.36 ? 30 U   B O4     1 
ATOM   636 C  C5     . U   B 1 14 ? -12.219 -11.078 0.802   1.00 33.25 ? 30 U   B C5     1 
ATOM   637 C  C6     . U   B 1 14 ? -12.902 -10.955 -0.344  1.00 33.09 ? 30 U   B C6     1 
ATOM   638 P  P      . G   B 1 15 ? -16.524 -14.555 -2.218  1.00 32.93 ? 31 G   B P      1 
ATOM   639 O  OP1    . G   B 1 15 ? -17.747 -15.121 -2.832  1.00 32.98 ? 31 G   B OP1    1 
ATOM   640 O  OP2    . G   B 1 15 ? -16.475 -14.308 -0.756  1.00 32.84 ? 31 G   B OP2    1 
ATOM   641 O  "O5'"  . G   B 1 15 ? -15.262 -15.469 -2.587  1.00 31.89 ? 31 G   B "O5'"  1 
ATOM   642 C  "C5'"  . G   B 1 15 ? -15.118 -15.973 -3.906  1.00 30.42 ? 31 G   B "C5'"  1 
ATOM   643 C  "C4'"  . G   B 1 15 ? -13.733 -16.542 -4.108  1.00 29.22 ? 31 G   B "C4'"  1 
ATOM   644 O  "O4'"  . G   B 1 15 ? -12.747 -15.566 -3.705  1.00 29.13 ? 31 G   B "O4'"  1 
ATOM   645 C  "C3'"  . G   B 1 15 ? -13.407 -17.733 -3.234  1.00 28.59 ? 31 G   B "C3'"  1 
ATOM   646 O  "O3'"  . G   B 1 15 ? -13.969 -18.910 -3.773  1.00 27.90 ? 31 G   B "O3'"  1 
ATOM   647 C  "C2'"  . G   B 1 15 ? -11.886 -17.730 -3.284  1.00 28.76 ? 31 G   B "C2'"  1 
ATOM   648 O  "O2'"  . G   B 1 15 ? -11.352 -18.271 -4.474  1.00 29.17 ? 31 G   B "O2'"  1 
ATOM   649 C  "C1'"  . G   B 1 15 ? -11.604 -16.235 -3.211  1.00 28.85 ? 31 G   B "C1'"  1 
ATOM   650 N  N9     . G   B 1 15 ? -11.363 -15.812 -1.839  1.00 28.81 ? 31 G   B N9     1 
ATOM   651 C  C8     . G   B 1 15 ? -12.206 -15.107 -1.018  1.00 28.82 ? 31 G   B C8     1 
ATOM   652 N  N7     . G   B 1 15 ? -11.706 -14.885 0.166   1.00 28.97 ? 31 G   B N7     1 
ATOM   653 C  C5     . G   B 1 15 ? -10.455 -15.486 0.131   1.00 28.90 ? 31 G   B C5     1 
ATOM   654 C  C6     . G   B 1 15 ? -9.448  -15.575 1.125   1.00 28.88 ? 31 G   B C6     1 
ATOM   655 O  O6     . G   B 1 15 ? -9.469  -15.125 2.279   1.00 28.74 ? 31 G   B O6     1 
ATOM   656 N  N1     . G   B 1 15 ? -8.330  -16.279 0.671   1.00 28.88 ? 31 G   B N1     1 
ATOM   657 C  C2     . G   B 1 15 ? -8.202  -16.823 -0.587  1.00 28.83 ? 31 G   B C2     1 
ATOM   658 N  N2     . G   B 1 15 ? -7.056  -17.460 -0.857  1.00 28.89 ? 31 G   B N2     1 
ATOM   659 N  N3     . G   B 1 15 ? -9.134  -16.743 -1.526  1.00 28.81 ? 31 G   B N3     1 
ATOM   660 C  C4     . G   B 1 15 ? -10.230 -16.064 -1.100  1.00 28.88 ? 31 G   B C4     1 
ATOM   661 P  P      . C   B 1 16 ? -14.479 -20.052 -2.778  1.00 27.22 ? 32 C   B P      1 
ATOM   662 O  OP1    . C   B 1 16 ? -15.226 -21.057 -3.569  1.00 27.14 ? 32 C   B OP1    1 
ATOM   663 O  OP2    . C   B 1 16 ? -15.115 -19.410 -1.605  1.00 27.16 ? 32 C   B OP2    1 
ATOM   664 O  "O5'"  . C   B 1 16 ? -13.107 -20.704 -2.294  1.00 27.02 ? 32 C   B "O5'"  1 
ATOM   665 C  "C5'"  . C   B 1 16 ? -12.314 -21.431 -3.220  1.00 26.84 ? 32 C   B "C5'"  1 
ATOM   666 C  "C4'"  . C   B 1 16 ? -10.990 -21.805 -2.591  1.00 26.59 ? 32 C   B "C4'"  1 
ATOM   667 O  "O4'"  . C   B 1 16 ? -10.321 -20.601 -2.146  1.00 26.37 ? 32 C   B "O4'"  1 
ATOM   668 C  "C3'"  . C   B 1 16 ? -11.098 -22.665 -1.341  1.00 26.51 ? 32 C   B "C3'"  1 
ATOM   669 O  "O3'"  . C   B 1 16 ? -11.213 -24.033 -1.698  1.00 26.87 ? 32 C   B "O3'"  1 
ATOM   670 C  "C2'"  . C   B 1 16 ? -9.768  -22.365 -0.666  1.00 26.34 ? 32 C   B "C2'"  1 
ATOM   671 O  "O2'"  . C   B 1 16 ? -8.711  -23.106 -1.237  1.00 26.66 ? 32 C   B "O2'"  1 
ATOM   672 C  "C1'"  . C   B 1 16 ? -9.585  -20.879 -0.970  1.00 26.17 ? 32 C   B "C1'"  1 
ATOM   673 N  N1     . C   B 1 16 ? -10.036 -19.985 0.147   1.00 25.99 ? 32 C   B N1     1 
ATOM   674 C  C2     . C   B 1 16 ? -9.158  -19.711 1.208   1.00 26.27 ? 32 C   B C2     1 
ATOM   675 O  O2     . C   B 1 16 ? -8.022  -20.205 1.218   1.00 26.33 ? 32 C   B O2     1 
ATOM   676 N  N3     . C   B 1 16 ? -9.580  -18.905 2.217   1.00 26.35 ? 32 C   B N3     1 
ATOM   677 C  C4     . C   B 1 16 ? -10.809 -18.381 2.193   1.00 26.10 ? 32 C   B C4     1 
ATOM   678 N  N4     . C   B 1 16 ? -11.169 -17.593 3.209   1.00 26.06 ? 32 C   B N4     1 
ATOM   679 C  C5     . C   B 1 16 ? -11.716 -18.641 1.122   1.00 25.98 ? 32 C   B C5     1 
ATOM   680 C  C6     . C   B 1 16 ? -11.291 -19.439 0.135   1.00 25.81 ? 32 C   B C6     1 
HETATM 681 S  S      . SO4 C 2 .  ? -7.485  -11.806 6.203   0.75 50.04 ? 17 SO4 A S      1 
HETATM 682 O  O1     . SO4 C 2 .  ? -6.532  -11.764 5.096   0.75 49.69 ? 17 SO4 A O1     1 
HETATM 683 O  O2     . SO4 C 2 .  ? -6.909  -11.134 7.367   0.75 50.03 ? 17 SO4 A O2     1 
HETATM 684 O  O3     . SO4 C 2 .  ? -8.728  -11.133 5.828   0.75 49.76 ? 17 SO4 A O3     1 
HETATM 685 O  O4     . SO4 C 2 .  ? -7.770  -13.199 6.534   0.75 49.77 ? 17 SO4 A O4     1 
HETATM 686 S  S      . SO4 D 2 .  ? 14.933  17.291  -5.618  0.75 50.49 ? 18 SO4 A S      1 
HETATM 687 O  O1     . SO4 D 2 .  ? 15.821  16.470  -6.434  0.75 50.52 ? 18 SO4 A O1     1 
HETATM 688 O  O2     . SO4 D 2 .  ? 14.013  16.421  -4.888  0.75 50.11 ? 18 SO4 A O2     1 
HETATM 689 O  O3     . SO4 D 2 .  ? 15.724  18.077  -4.672  0.75 50.48 ? 18 SO4 A O3     1 
HETATM 690 O  O4     . SO4 D 2 .  ? 14.185  18.197  -6.489  0.75 50.35 ? 18 SO4 A O4     1 
HETATM 691 S  S      . SO4 E 2 .  ? 7.215   13.102  -0.521  0.75 46.82 ? 2  SO4 B S      1 
HETATM 692 O  O1     . SO4 E 2 .  ? 6.436   12.572  -1.636  0.75 46.65 ? 2  SO4 B O1     1 
HETATM 693 O  O2     . SO4 E 2 .  ? 6.662   12.598  0.734   0.75 46.90 ? 2  SO4 B O2     1 
HETATM 694 O  O3     . SO4 E 2 .  ? 8.609   12.677  -0.639  0.75 46.62 ? 2  SO4 B O3     1 
HETATM 695 O  O4     . SO4 E 2 .  ? 7.143   14.560  -0.537  0.75 46.63 ? 2  SO4 B O4     1 
# 
